data_8PHD
#
_entry.id   8PHD
#
_cell.length_a   60.462
_cell.length_b   126.020
_cell.length_c   74.644
_cell.angle_alpha   90.000
_cell.angle_beta   90.060
_cell.angle_gamma   90.000
#
_symmetry.space_group_name_H-M   'P 1 21 1'
#
loop_
_entity.id
_entity.type
_entity.pdbx_description
1 polymer 'Cell division cycle protein 123 homolog'
2 polymer 'Eukaryotic translation initiation factor 2 subunit 3'
3 non-polymer "ADENOSINE-5'-TRIPHOSPHATE"
4 non-polymer 'MAGNESIUM ION'
5 water water
#
loop_
_entity_poly.entity_id
_entity_poly.type
_entity_poly.pdbx_seq_one_letter_code
_entity_poly.pdbx_strand_id
1 'polypeptide(L)'
;MGSSHHHHHHSSGLVPRGSHMKKEHVLHCQFSAWYPFFRGVTIKSVILPLPQNVKDYLLDDGTLVVSGRDDPPTHSQPDS
DDEAEEIQWSDDENTATLTAPEFPEFATKVQEAINSLGGSVFPKLNWSAPRDAYWIAMNSSLKCKTLSDIFLLFKSSDFI
TRDFTQPFIHCTDDSPDPCIEYELVLRKWCELIPGAEFRCFVKENKLIGISQRDYTQYYDHISKQKEEIRRCIQDFFKKH
IQYKFLDEDFVFDIYRDSRGKVWLIDFNPFGEVTDSLLFTWEELISENNLNGDFSEVDAQEQDSPAFRCTNSEVTVQPSP
YLSYRLPKDFVDLSTGEDAHKLIDFLKLKRNQQEDD
;
A,C
2 'polypeptide(L)'
;MALPEIFTELEISYFLLRRLLGVRTEGDKKAAKVQKLSKNEVLMVNIGSLSTGGRVSAVKADLGKIVLTNPVCTEVGEKI
ALSRRVEKHWRLIGWGQIRRGVTIKPTVDDD
;
B,D
#
loop_
_chem_comp.id
_chem_comp.type
_chem_comp.name
_chem_comp.formula
ATP non-polymer ADENOSINE-5'-TRIPHOSPHATE 'C10 H16 N5 O13 P3'
MG non-polymer 'MAGNESIUM ION' 'Mg 2'
#
# COMPACT_ATOMS: atom_id res chain seq x y z
N HIS A 20 9.07 2.66 -2.54
CA HIS A 20 10.35 2.06 -2.89
C HIS A 20 11.37 2.24 -1.78
N MET A 21 11.00 1.84 -0.57
CA MET A 21 11.88 1.95 0.59
C MET A 21 12.74 0.70 0.69
N LYS A 22 14.06 0.90 0.76
CA LYS A 22 15.02 -0.19 0.82
C LYS A 22 15.46 -0.41 2.27
N LYS A 23 16.06 -1.58 2.50
CA LYS A 23 16.57 -1.92 3.82
C LYS A 23 17.74 -1.03 4.24
N GLU A 24 18.44 -0.44 3.27
CA GLU A 24 19.54 0.48 3.61
C GLU A 24 19.01 1.76 4.25
N HIS A 25 17.80 2.18 3.87
CA HIS A 25 17.21 3.37 4.48
CA HIS A 25 17.22 3.37 4.48
C HIS A 25 16.89 3.13 5.95
N VAL A 26 16.47 1.92 6.30
CA VAL A 26 16.18 1.60 7.69
C VAL A 26 17.45 1.59 8.51
N LEU A 27 18.54 1.07 7.93
CA LEU A 27 19.82 1.03 8.64
C LEU A 27 20.32 2.44 8.97
N HIS A 28 20.10 3.38 8.05
CA HIS A 28 20.59 4.74 8.27
C HIS A 28 19.85 5.43 9.41
N CYS A 29 18.62 5.01 9.70
CA CYS A 29 17.84 5.62 10.77
C CYS A 29 18.14 5.03 12.14
N GLN A 30 19.04 4.06 12.24
CA GLN A 30 19.50 3.61 13.55
C GLN A 30 20.16 4.77 14.28
N PHE A 31 19.98 4.81 15.59
CA PHE A 31 20.46 5.94 16.37
C PHE A 31 21.98 6.09 16.25
N SER A 32 22.71 4.99 16.44
CA SER A 32 24.17 5.03 16.36
C SER A 32 24.68 5.37 14.97
N ALA A 33 23.82 5.34 13.95
CA ALA A 33 24.28 5.66 12.60
C ALA A 33 24.36 7.15 12.35
N TRP A 34 23.39 7.93 12.86
CA TRP A 34 23.34 9.36 12.59
C TRP A 34 23.73 10.23 13.78
N TYR A 35 23.73 9.69 15.00
CA TYR A 35 24.04 10.52 16.16
C TYR A 35 25.44 11.13 16.11
N PRO A 36 26.49 10.44 15.66
CA PRO A 36 27.81 11.11 15.59
C PRO A 36 27.83 12.33 14.69
N PHE A 37 26.99 12.38 13.66
CA PHE A 37 27.00 13.49 12.71
C PHE A 37 26.08 14.63 13.10
N PHE A 38 25.16 14.42 14.03
CA PHE A 38 24.22 15.44 14.45
C PHE A 38 24.23 15.61 15.96
N ARG A 39 25.39 15.41 16.58
CA ARG A 39 25.49 15.42 18.04
C ARG A 39 25.18 16.80 18.62
N GLY A 40 25.59 17.86 17.93
CA GLY A 40 25.43 19.20 18.44
C GLY A 40 24.07 19.83 18.25
N VAL A 41 23.12 19.13 17.63
CA VAL A 41 21.79 19.66 17.40
C VAL A 41 20.70 18.79 18.00
N THR A 42 21.08 17.81 18.82
CA THR A 42 20.09 16.92 19.43
C THR A 42 20.38 16.72 20.92
N ILE A 43 19.65 15.81 21.55
CA ILE A 43 19.78 15.59 22.98
C ILE A 43 20.97 14.68 23.26
N LYS A 44 21.74 15.03 24.30
CA LYS A 44 22.89 14.24 24.69
C LYS A 44 22.48 12.82 25.04
N SER A 45 23.17 11.84 24.47
CA SER A 45 22.78 10.45 24.62
C SER A 45 24.02 9.56 24.76
N VAL A 46 23.79 8.38 25.34
CA VAL A 46 24.81 7.35 25.48
C VAL A 46 24.28 6.08 24.83
N ILE A 47 25.14 5.41 24.06
CA ILE A 47 24.77 4.22 23.30
C ILE A 47 25.56 3.04 23.86
N LEU A 48 24.83 2.06 24.39
CA LEU A 48 25.45 0.87 24.96
C LEU A 48 25.12 -0.35 24.11
N PRO A 49 26.13 -1.09 23.66
CA PRO A 49 25.85 -2.36 22.97
C PRO A 49 25.11 -3.33 23.88
N LEU A 50 24.16 -4.05 23.30
CA LEU A 50 23.34 -4.97 24.07
C LEU A 50 24.06 -6.31 24.22
N PRO A 51 24.38 -6.75 25.43
CA PRO A 51 25.00 -8.07 25.61
C PRO A 51 24.09 -9.18 25.13
N GLN A 52 24.70 -10.31 24.78
CA GLN A 52 23.94 -11.43 24.20
C GLN A 52 22.90 -11.95 25.18
N ASN A 53 23.27 -12.10 26.45
CA ASN A 53 22.32 -12.63 27.43
C ASN A 53 21.24 -11.61 27.77
N VAL A 54 21.55 -10.31 27.70
CA VAL A 54 20.53 -9.29 27.89
C VAL A 54 19.57 -9.27 26.72
N LYS A 55 20.08 -9.47 25.50
CA LYS A 55 19.22 -9.54 24.33
C LYS A 55 18.28 -10.75 24.39
N ASP A 56 18.79 -11.88 24.88
CA ASP A 56 17.94 -13.06 25.05
C ASP A 56 16.86 -12.82 26.10
N TYR A 57 17.17 -12.03 27.13
CA TYR A 57 16.19 -11.75 28.17
C TYR A 57 15.03 -10.92 27.63
N LEU A 58 15.34 -9.87 26.86
CA LEU A 58 14.30 -9.05 26.27
C LEU A 58 13.49 -9.79 25.21
N LEU A 59 14.02 -10.89 24.68
CA LEU A 59 13.34 -11.69 23.68
C LEU A 59 12.61 -12.89 24.26
N ASP A 60 12.48 -12.96 25.59
CA ASP A 60 11.82 -14.10 26.23
C ASP A 60 10.35 -14.15 25.82
N ASP A 61 9.89 -15.34 25.43
CA ASP A 61 8.52 -15.54 24.98
C ASP A 61 7.58 -15.91 26.12
N GLY A 62 8.05 -15.88 27.37
CA GLY A 62 7.22 -16.21 28.51
C GLY A 62 6.68 -14.97 29.21
N THR A 63 6.17 -15.19 30.42
CA THR A 63 5.60 -14.11 31.20
C THR A 63 6.69 -13.12 31.63
N LEU A 64 6.24 -11.93 32.05
CA LEU A 64 7.14 -10.82 32.33
C LEU A 64 7.64 -10.89 33.77
N VAL A 65 8.96 -10.98 33.94
CA VAL A 65 9.61 -10.88 35.23
C VAL A 65 10.71 -9.83 35.11
N VAL A 66 10.69 -8.83 35.98
CA VAL A 66 11.59 -7.70 35.87
C VAL A 66 12.93 -8.05 36.53
N SER A 67 14.02 -7.74 35.83
CA SER A 67 15.36 -8.08 36.29
C SER A 67 15.96 -6.94 37.11
N GLY A 68 16.67 -7.30 38.18
CA GLY A 68 17.33 -6.32 39.03
C GLY A 68 16.39 -5.38 39.75
N ARG A 69 15.28 -5.91 40.28
CA ARG A 69 14.29 -5.05 40.94
C ARG A 69 14.85 -4.40 42.20
N ASP A 70 15.72 -5.10 42.92
CA ASP A 70 16.30 -4.57 44.15
C ASP A 70 17.15 -3.34 43.88
N TRP A 89 -0.85 -15.54 55.39
CA TRP A 89 -1.85 -15.75 54.36
C TRP A 89 -2.41 -17.17 54.41
N SER A 90 -1.63 -18.12 53.91
CA SER A 90 -2.00 -19.53 53.95
C SER A 90 -0.77 -20.42 53.75
N THR A 95 3.42 -22.25 45.87
CA THR A 95 3.32 -21.93 44.45
C THR A 95 4.66 -21.48 43.89
N ALA A 96 4.74 -21.43 42.56
CA ALA A 96 6.00 -21.10 41.90
C ALA A 96 6.42 -19.66 42.20
N THR A 97 7.73 -19.47 42.37
CA THR A 97 8.32 -18.15 42.57
C THR A 97 9.29 -17.91 41.43
N LEU A 98 8.94 -16.99 40.53
CA LEU A 98 9.74 -16.71 39.36
C LEU A 98 10.80 -15.66 39.67
N THR A 99 11.99 -15.87 39.11
CA THR A 99 13.09 -14.91 39.24
C THR A 99 13.62 -14.61 37.84
N ALA A 100 13.93 -13.35 37.61
CA ALA A 100 14.49 -12.93 36.34
C ALA A 100 16.01 -13.10 36.34
N PRO A 101 16.62 -13.19 35.17
CA PRO A 101 18.09 -13.22 35.12
C PRO A 101 18.68 -11.92 35.66
N GLU A 102 19.89 -12.02 36.20
CA GLU A 102 20.58 -10.88 36.77
C GLU A 102 21.83 -10.59 35.96
N PHE A 103 22.04 -9.30 35.64
CA PHE A 103 23.15 -8.84 34.81
C PHE A 103 23.94 -7.82 35.62
N PRO A 104 24.78 -8.26 36.55
CA PRO A 104 25.49 -7.30 37.42
C PRO A 104 26.43 -6.38 36.66
N GLU A 105 27.20 -6.91 35.71
CA GLU A 105 28.15 -6.08 34.98
C GLU A 105 27.46 -5.08 34.07
N PHE A 106 26.30 -5.45 33.51
CA PHE A 106 25.59 -4.53 32.63
C PHE A 106 24.76 -3.52 33.41
N ALA A 107 24.27 -3.90 34.60
CA ALA A 107 23.50 -2.96 35.41
C ALA A 107 24.36 -1.79 35.87
N THR A 108 25.57 -2.06 36.33
CA THR A 108 26.47 -0.99 36.73
C THR A 108 26.92 -0.17 35.53
N LYS A 109 27.04 -0.80 34.35
CA LYS A 109 27.39 -0.06 33.15
C LYS A 109 26.27 0.88 32.73
N VAL A 110 25.02 0.42 32.84
CA VAL A 110 23.89 1.29 32.56
C VAL A 110 23.77 2.38 33.61
N GLN A 111 24.02 2.04 34.87
CA GLN A 111 23.88 3.03 35.94
C GLN A 111 24.93 4.12 35.82
N GLU A 112 26.14 3.77 35.38
CA GLU A 112 27.17 4.78 35.18
C GLU A 112 26.81 5.74 34.05
N ALA A 113 26.18 5.22 32.99
CA ALA A 113 25.73 6.09 31.91
C ALA A 113 24.56 6.97 32.33
N ILE A 114 23.68 6.46 33.19
CA ILE A 114 22.57 7.28 33.69
C ILE A 114 23.09 8.40 34.56
N ASN A 115 24.09 8.12 35.40
CA ASN A 115 24.66 9.17 36.24
C ASN A 115 25.38 10.22 35.41
N SER A 116 26.02 9.83 34.31
CA SER A 116 26.72 10.80 33.47
C SER A 116 25.77 11.70 32.71
N LEU A 117 24.48 11.33 32.62
CA LEU A 117 23.48 12.15 31.95
C LEU A 117 22.62 12.93 32.93
N GLY A 118 22.90 12.85 34.23
CA GLY A 118 22.18 13.61 35.23
C GLY A 118 21.31 12.81 36.16
N GLY A 119 21.22 11.49 35.99
CA GLY A 119 20.42 10.65 36.85
C GLY A 119 19.08 10.25 36.29
N SER A 120 18.65 10.85 35.17
CA SER A 120 17.37 10.53 34.55
C SER A 120 17.57 10.44 33.05
N VAL A 121 17.03 9.38 32.43
CA VAL A 121 17.27 9.12 31.01
C VAL A 121 15.97 8.72 30.32
N PHE A 122 15.95 8.92 29.00
CA PHE A 122 14.87 8.51 28.12
C PHE A 122 15.35 7.34 27.28
N PRO A 123 14.87 6.12 27.48
CA PRO A 123 15.46 4.95 26.82
C PRO A 123 14.84 4.64 25.46
N LYS A 124 15.72 4.23 24.53
CA LYS A 124 15.29 3.77 23.22
C LYS A 124 16.13 2.56 22.83
N LEU A 125 15.71 1.89 21.76
CA LEU A 125 16.52 0.85 21.15
C LEU A 125 17.17 1.42 19.89
N ASN A 126 17.35 0.59 18.86
CA ASN A 126 17.99 1.07 17.64
C ASN A 126 17.15 2.15 16.95
N TRP A 127 15.84 1.95 16.90
CA TRP A 127 14.94 2.89 16.25
C TRP A 127 13.88 3.48 17.16
N SER A 128 13.24 2.64 17.99
CA SER A 128 12.01 3.01 18.66
C SER A 128 12.22 3.16 20.17
N ALA A 129 11.32 3.93 20.78
CA ALA A 129 11.10 4.14 22.20
C ALA A 129 9.86 3.37 22.65
N PRO A 130 9.83 2.89 23.90
CA PRO A 130 8.66 2.15 24.38
C PRO A 130 7.47 3.06 24.67
N ARG A 131 6.99 3.77 23.64
CA ARG A 131 5.92 4.73 23.85
CA ARG A 131 5.92 4.73 23.85
C ARG A 131 4.61 4.06 24.23
N ASP A 132 4.42 2.79 23.84
CA ASP A 132 3.18 2.08 24.12
C ASP A 132 3.15 1.44 25.50
N ALA A 133 4.25 1.47 26.25
CA ALA A 133 4.31 0.89 27.58
C ALA A 133 4.25 1.93 28.69
N TYR A 134 3.78 3.14 28.37
CA TYR A 134 3.71 4.20 29.37
C TYR A 134 2.81 3.84 30.54
N TRP A 135 1.74 3.08 30.27
CA TRP A 135 0.75 2.78 31.29
C TRP A 135 1.32 1.94 32.43
N ILE A 136 2.32 1.11 32.15
CA ILE A 136 2.81 0.19 33.17
C ILE A 136 3.83 0.83 34.10
N ALA A 137 4.48 1.91 33.68
CA ALA A 137 5.53 2.50 34.49
C ALA A 137 4.94 3.38 35.59
N MET A 138 5.73 3.56 36.65
CA MET A 138 5.32 4.39 37.77
C MET A 138 5.04 5.82 37.29
N ASN A 139 3.88 6.34 37.69
CA ASN A 139 3.43 7.69 37.31
C ASN A 139 3.23 7.84 35.81
N SER A 140 3.10 6.73 35.08
CA SER A 140 2.86 6.73 33.64
C SER A 140 3.93 7.50 32.89
N SER A 141 5.16 7.46 33.37
CA SER A 141 6.27 8.22 32.81
C SER A 141 7.32 7.30 32.22
N LEU A 142 7.92 7.76 31.12
CA LEU A 142 9.02 7.04 30.49
C LEU A 142 10.38 7.40 31.09
N LYS A 143 10.41 8.31 32.08
CA LYS A 143 11.66 8.63 32.75
C LYS A 143 12.16 7.42 33.52
N CYS A 144 13.42 7.06 33.30
CA CYS A 144 14.03 5.90 33.94
C CYS A 144 15.24 6.33 34.74
N LYS A 145 15.36 5.79 35.96
CA LYS A 145 16.50 6.03 36.83
C LYS A 145 17.39 4.82 37.01
N THR A 146 16.89 3.62 36.70
CA THR A 146 17.67 2.40 36.82
C THR A 146 17.39 1.51 35.62
N LEU A 147 18.23 0.47 35.48
CA LEU A 147 18.01 -0.51 34.41
C LEU A 147 16.68 -1.22 34.58
N SER A 148 16.20 -1.36 35.83
CA SER A 148 14.92 -2.02 36.07
C SER A 148 13.77 -1.25 35.46
N ASP A 149 13.82 0.08 35.51
CA ASP A 149 12.80 0.89 34.86
C ASP A 149 12.80 0.67 33.36
N ILE A 150 13.98 0.54 32.77
CA ILE A 150 14.08 0.30 31.33
C ILE A 150 13.57 -1.09 30.98
N PHE A 151 13.86 -2.09 31.82
CA PHE A 151 13.42 -3.45 31.55
C PHE A 151 11.89 -3.55 31.59
N LEU A 152 11.26 -2.88 32.56
CA LEU A 152 9.81 -2.95 32.67
C LEU A 152 9.13 -2.34 31.45
N LEU A 153 9.71 -1.26 30.91
CA LEU A 153 9.15 -0.64 29.73
C LEU A 153 9.38 -1.49 28.47
N PHE A 154 10.63 -1.94 28.28
CA PHE A 154 10.98 -2.63 27.04
C PHE A 154 10.20 -3.93 26.90
N LYS A 155 10.13 -4.73 27.97
CA LYS A 155 9.46 -6.01 27.89
C LYS A 155 7.94 -5.90 27.89
N SER A 156 7.40 -4.70 28.05
CA SER A 156 5.96 -4.46 27.97
C SER A 156 5.57 -3.72 26.70
N SER A 157 6.52 -3.47 25.80
CA SER A 157 6.30 -2.61 24.64
C SER A 157 6.36 -3.42 23.35
N ASP A 158 5.39 -3.22 22.48
CA ASP A 158 5.38 -3.87 21.18
C ASP A 158 6.21 -3.11 20.15
N PHE A 159 6.45 -1.81 20.36
CA PHE A 159 7.37 -1.09 19.50
C PHE A 159 8.80 -1.61 19.67
N ILE A 160 9.17 -1.98 20.89
CA ILE A 160 10.47 -2.60 21.12
C ILE A 160 10.51 -3.99 20.48
N THR A 161 9.42 -4.75 20.62
CA THR A 161 9.36 -6.06 19.98
C THR A 161 9.46 -5.94 18.46
N ARG A 162 8.92 -4.86 17.90
CA ARG A 162 9.03 -4.65 16.45
C ARG A 162 10.48 -4.38 16.05
N ASP A 163 11.23 -3.67 16.89
CA ASP A 163 12.64 -3.43 16.58
C ASP A 163 13.44 -4.73 16.52
N PHE A 164 13.08 -5.71 17.35
CA PHE A 164 13.78 -6.99 17.34
C PHE A 164 13.29 -7.88 16.21
N THR A 165 11.97 -8.01 16.07
CA THR A 165 11.39 -9.05 15.21
C THR A 165 11.06 -8.54 13.80
N GLN A 166 10.67 -7.29 13.65
CA GLN A 166 10.25 -6.75 12.36
C GLN A 166 10.98 -5.43 12.07
N PRO A 167 12.31 -5.46 11.93
CA PRO A 167 13.03 -4.21 11.69
C PRO A 167 12.92 -3.72 10.25
N PHE A 168 12.80 -4.65 9.30
CA PHE A 168 12.77 -4.33 7.88
C PHE A 168 11.40 -4.57 7.25
N ILE A 169 10.34 -4.17 7.94
CA ILE A 169 9.01 -4.25 7.37
C ILE A 169 8.80 -3.13 6.37
N HIS A 170 7.84 -3.33 5.46
CA HIS A 170 7.47 -2.41 4.40
C HIS A 170 8.62 -2.15 3.43
N CYS A 171 9.74 -2.85 3.57
CA CYS A 171 10.83 -2.73 2.61
C CYS A 171 10.48 -3.47 1.32
N THR A 172 10.96 -2.93 0.20
CA THR A 172 10.57 -3.40 -1.11
C THR A 172 11.71 -3.98 -1.93
N ASP A 173 12.91 -4.10 -1.38
CA ASP A 173 14.06 -4.62 -2.11
C ASP A 173 14.27 -6.09 -1.77
N ASP A 174 14.80 -6.84 -2.74
CA ASP A 174 15.02 -8.27 -2.61
C ASP A 174 16.28 -8.61 -1.83
N SER A 175 17.00 -7.61 -1.32
CA SER A 175 18.22 -7.87 -0.59
C SER A 175 17.92 -8.66 0.68
N PRO A 176 18.81 -9.56 1.09
CA PRO A 176 18.62 -10.26 2.36
C PRO A 176 18.75 -9.31 3.53
N ASP A 177 18.11 -9.68 4.63
CA ASP A 177 18.07 -8.83 5.81
C ASP A 177 19.47 -8.69 6.40
N PRO A 178 20.00 -7.48 6.56
CA PRO A 178 21.31 -7.31 7.20
C PRO A 178 21.27 -7.74 8.66
N CYS A 179 22.46 -7.94 9.22
CA CYS A 179 22.59 -8.31 10.62
C CYS A 179 22.56 -7.07 11.49
N ILE A 180 21.59 -6.99 12.39
CA ILE A 180 21.44 -5.84 13.28
C ILE A 180 22.24 -6.08 14.55
N GLU A 181 23.04 -5.08 14.94
CA GLU A 181 23.74 -5.08 16.22
C GLU A 181 22.95 -4.18 17.16
N TYR A 182 22.13 -4.81 18.01
CA TYR A 182 21.20 -4.05 18.84
C TYR A 182 21.93 -3.33 19.97
N GLU A 183 21.39 -2.17 20.34
CA GLU A 183 22.04 -1.27 21.27
C GLU A 183 21.00 -0.62 22.16
N LEU A 184 21.42 -0.24 23.37
CA LEU A 184 20.58 0.50 24.30
C LEU A 184 20.95 1.98 24.22
N VAL A 185 19.97 2.82 23.92
CA VAL A 185 20.18 4.25 23.77
C VAL A 185 19.62 4.94 25.01
N LEU A 186 20.49 5.57 25.79
CA LEU A 186 20.10 6.30 26.98
C LEU A 186 20.20 7.80 26.67
N ARG A 187 19.05 8.45 26.55
CA ARG A 187 18.99 9.87 26.21
C ARG A 187 18.65 10.67 27.46
N LYS A 188 19.39 11.76 27.69
CA LYS A 188 19.15 12.64 28.82
C LYS A 188 17.69 13.08 28.85
N TRP A 189 17.05 12.91 30.00
CA TRP A 189 15.64 13.25 30.13
C TRP A 189 15.45 14.77 30.09
N CYS A 190 14.46 15.21 29.32
CA CYS A 190 14.15 16.62 29.17
C CYS A 190 12.67 16.86 29.44
N GLU A 191 12.36 17.99 30.08
CA GLU A 191 10.98 18.40 30.33
C GLU A 191 10.50 19.18 29.13
N LEU A 192 9.91 18.48 28.16
CA LEU A 192 9.49 19.10 26.92
C LEU A 192 8.15 19.80 27.09
N ILE A 193 7.99 20.89 26.35
CA ILE A 193 6.73 21.65 26.37
C ILE A 193 5.73 20.99 25.42
N PRO A 194 4.50 20.75 25.85
CA PRO A 194 3.52 20.09 24.96
C PRO A 194 3.14 20.98 23.79
N GLY A 195 3.02 20.37 22.61
CA GLY A 195 2.65 21.09 21.42
C GLY A 195 3.78 21.83 20.74
N ALA A 196 5.02 21.38 20.93
CA ALA A 196 6.19 22.04 20.34
C ALA A 196 7.03 21.09 19.51
N GLU A 197 6.47 19.96 19.10
CA GLU A 197 7.18 18.97 18.30
C GLU A 197 6.52 18.87 16.92
N PHE A 198 7.36 18.77 15.89
CA PHE A 198 6.90 18.78 14.51
C PHE A 198 7.68 17.75 13.71
N ARG A 199 6.97 17.06 12.83
CA ARG A 199 7.57 16.07 11.94
C ARG A 199 7.76 16.69 10.55
N CYS A 200 8.95 16.53 10.00
CA CYS A 200 9.33 17.17 8.75
C CYS A 200 9.68 16.11 7.71
N PHE A 201 9.11 16.25 6.52
CA PHE A 201 9.30 15.29 5.44
C PHE A 201 10.18 15.90 4.36
N VAL A 202 11.20 15.15 3.92
CA VAL A 202 12.16 15.63 2.94
C VAL A 202 12.20 14.64 1.77
N LYS A 203 12.10 15.16 0.55
CA LYS A 203 12.15 14.35 -0.66
C LYS A 203 13.19 14.95 -1.61
N GLU A 204 14.21 14.16 -1.95
CA GLU A 204 15.33 14.62 -2.77
C GLU A 204 15.96 15.88 -2.18
N ASN A 205 16.27 15.82 -0.89
CA ASN A 205 16.92 16.89 -0.13
C ASN A 205 16.09 18.17 -0.08
N LYS A 206 14.82 18.11 -0.48
CA LYS A 206 13.93 19.25 -0.42
C LYS A 206 12.92 19.03 0.70
N LEU A 207 12.82 20.00 1.61
CA LEU A 207 11.81 19.96 2.67
C LEU A 207 10.45 20.23 2.03
N ILE A 208 9.65 19.17 1.88
CA ILE A 208 8.38 19.27 1.17
C ILE A 208 7.18 19.43 2.10
N GLY A 209 7.37 19.31 3.41
CA GLY A 209 6.24 19.45 4.32
C GLY A 209 6.61 19.37 5.78
N ILE A 210 5.82 20.04 6.62
CA ILE A 210 5.97 20.00 8.06
C ILE A 210 4.60 19.68 8.66
N SER A 211 4.57 18.75 9.61
CA SER A 211 3.33 18.35 10.26
C SER A 211 3.49 18.40 11.78
N GLN A 212 2.46 18.88 12.45
CA GLN A 212 2.41 18.78 13.90
C GLN A 212 2.46 17.31 14.32
N ARG A 213 3.28 17.00 15.33
CA ARG A 213 3.51 15.61 15.66
C ARG A 213 2.35 15.03 16.48
N ASP A 214 1.89 15.75 17.50
CA ASP A 214 0.72 15.33 18.27
C ASP A 214 -0.54 15.81 17.55
N TYR A 215 -0.79 15.19 16.40
CA TYR A 215 -1.80 15.65 15.46
C TYR A 215 -3.23 15.33 15.90
N THR A 216 -3.42 14.71 17.06
CA THR A 216 -4.75 14.45 17.59
C THR A 216 -5.11 15.37 18.75
N GLN A 217 -4.28 16.38 19.02
CA GLN A 217 -4.48 17.30 20.12
C GLN A 217 -4.35 18.73 19.61
N TYR A 218 -5.27 19.59 20.04
CA TYR A 218 -5.25 20.99 19.62
C TYR A 218 -4.39 21.81 20.57
N TYR A 219 -3.63 22.74 20.00
CA TYR A 219 -2.80 23.67 20.76
C TYR A 219 -3.00 25.07 20.18
N ASP A 220 -3.43 26.01 21.02
CA ASP A 220 -3.77 27.34 20.54
C ASP A 220 -2.53 28.10 20.07
N HIS A 221 -1.42 28.00 20.80
CA HIS A 221 -0.24 28.79 20.50
C HIS A 221 0.45 28.38 19.21
N ILE A 222 0.08 27.24 18.62
CA ILE A 222 0.71 26.84 17.37
C ILE A 222 0.25 27.72 16.22
N SER A 223 -1.06 28.01 16.16
CA SER A 223 -1.59 28.81 15.05
C SER A 223 -1.22 30.28 15.18
N LYS A 224 -1.00 30.76 16.41
CA LYS A 224 -0.57 32.14 16.59
C LYS A 224 0.89 32.33 16.21
N GLN A 225 1.73 31.32 16.45
CA GLN A 225 3.14 31.35 16.09
C GLN A 225 3.42 30.59 14.80
N LYS A 226 2.42 30.44 13.93
CA LYS A 226 2.54 29.56 12.78
C LYS A 226 3.67 29.99 11.86
N GLU A 227 3.80 31.29 11.61
CA GLU A 227 4.83 31.77 10.69
C GLU A 227 6.22 31.75 11.32
N GLU A 228 6.32 31.98 12.62
CA GLU A 228 7.63 31.96 13.27
C GLU A 228 8.17 30.54 13.36
N ILE A 229 7.29 29.57 13.60
CA ILE A 229 7.71 28.16 13.61
C ILE A 229 8.14 27.73 12.21
N ARG A 230 7.40 28.14 11.19
CA ARG A 230 7.73 27.77 9.82
C ARG A 230 9.12 28.26 9.43
N ARG A 231 9.49 29.46 9.85
CA ARG A 231 10.78 30.03 9.49
C ARG A 231 11.92 29.36 10.24
N CYS A 232 11.70 29.02 11.52
CA CYS A 232 12.77 28.44 12.32
C CYS A 232 13.08 27.01 11.91
N ILE A 233 12.10 26.28 11.38
CA ILE A 233 12.36 24.92 10.92
C ILE A 233 13.05 24.93 9.56
N GLN A 234 12.73 25.91 8.71
CA GLN A 234 13.40 26.01 7.41
C GLN A 234 14.85 26.42 7.57
N ASP A 235 15.14 27.35 8.50
CA ASP A 235 16.51 27.75 8.74
C ASP A 235 17.31 26.62 9.38
N PHE A 236 16.69 25.86 10.29
CA PHE A 236 17.36 24.73 10.91
C PHE A 236 17.72 23.67 9.88
N PHE A 237 16.75 23.30 9.03
CA PHE A 237 17.00 22.29 8.01
C PHE A 237 18.08 22.74 7.04
N LYS A 238 18.02 24.00 6.61
CA LYS A 238 18.99 24.49 5.63
C LYS A 238 20.40 24.52 6.21
N LYS A 239 20.55 24.80 7.50
CA LYS A 239 21.86 24.94 8.10
C LYS A 239 22.43 23.62 8.63
N HIS A 240 21.57 22.76 9.19
CA HIS A 240 22.05 21.62 9.96
C HIS A 240 21.64 20.25 9.41
N ILE A 241 20.57 20.16 8.63
CA ILE A 241 20.02 18.88 8.20
C ILE A 241 20.24 18.63 6.72
N GLN A 242 20.01 19.63 5.88
CA GLN A 242 20.06 19.43 4.43
C GLN A 242 21.45 18.98 3.99
N TYR A 243 21.48 17.99 3.11
CA TYR A 243 22.69 17.43 2.50
C TYR A 243 23.61 16.74 3.49
N LYS A 244 23.19 16.56 4.74
CA LYS A 244 24.03 15.94 5.75
C LYS A 244 23.54 14.57 6.20
N PHE A 245 22.29 14.21 5.94
CA PHE A 245 21.83 12.87 6.28
C PHE A 245 22.24 11.89 5.19
N LEU A 246 22.19 10.59 5.55
CA LEU A 246 22.69 9.51 4.72
C LEU A 246 21.78 9.20 3.52
N ASP A 247 20.67 9.90 3.35
CA ASP A 247 19.77 9.62 2.24
C ASP A 247 19.12 10.91 1.77
N GLU A 248 18.60 10.88 0.54
CA GLU A 248 17.88 12.02 -0.02
C GLU A 248 16.49 12.15 0.60
N ASP A 249 15.71 11.07 0.58
CA ASP A 249 14.37 11.05 1.14
C ASP A 249 14.44 10.52 2.56
N PHE A 250 13.91 11.29 3.51
CA PHE A 250 13.90 10.89 4.91
C PHE A 250 12.89 11.73 5.67
N VAL A 251 12.70 11.37 6.94
CA VAL A 251 11.83 12.09 7.84
C VAL A 251 12.62 12.39 9.11
N PHE A 252 12.46 13.59 9.66
CA PHE A 252 13.11 13.94 10.91
C PHE A 252 12.17 14.75 11.78
N ASP A 253 12.15 14.42 13.07
CA ASP A 253 11.31 15.09 14.05
C ASP A 253 12.13 16.12 14.81
N ILE A 254 11.50 17.26 15.14
CA ILE A 254 12.19 18.34 15.81
C ILE A 254 11.37 18.80 17.02
N TYR A 255 12.03 19.52 17.91
CA TYR A 255 11.42 20.11 19.09
C TYR A 255 11.90 21.55 19.22
N ARG A 256 10.96 22.46 19.45
CA ARG A 256 11.27 23.89 19.60
C ARG A 256 11.08 24.25 21.07
N ASP A 257 12.17 24.62 21.73
CA ASP A 257 12.16 24.80 23.18
C ASP A 257 11.54 26.17 23.54
N SER A 258 11.59 26.50 24.83
CA SER A 258 10.93 27.72 25.32
C SER A 258 11.59 28.99 24.83
N ARG A 259 12.82 28.91 24.31
CA ARG A 259 13.54 30.07 23.83
C ARG A 259 13.54 30.17 22.31
N GLY A 260 12.74 29.36 21.64
CA GLY A 260 12.63 29.39 20.20
C GLY A 260 13.63 28.53 19.44
N LYS A 261 14.57 27.89 20.14
CA LYS A 261 15.60 27.10 19.48
C LYS A 261 15.04 25.75 19.05
N VAL A 262 15.41 25.32 17.85
CA VAL A 262 14.96 24.07 17.26
C VAL A 262 16.00 22.98 17.54
N TRP A 263 15.54 21.86 18.08
CA TRP A 263 16.39 20.71 18.37
C TRP A 263 15.95 19.53 17.52
N LEU A 264 16.92 18.68 17.17
CA LEU A 264 16.64 17.44 16.46
C LEU A 264 16.30 16.34 17.46
N ILE A 265 15.33 15.51 17.11
CA ILE A 265 14.88 14.41 17.95
C ILE A 265 15.27 13.06 17.37
N ASP A 266 14.94 12.82 16.11
CA ASP A 266 15.13 11.51 15.52
C ASP A 266 15.05 11.61 14.00
N PHE A 267 15.56 10.59 13.34
CA PHE A 267 15.39 10.40 11.90
C PHE A 267 14.52 9.18 11.67
N ASN A 268 13.54 9.31 10.77
CA ASN A 268 12.64 8.22 10.45
C ASN A 268 12.70 7.91 8.96
N PRO A 269 12.39 6.67 8.56
CA PRO A 269 12.44 6.33 7.14
C PRO A 269 11.32 7.02 6.37
N PHE A 270 11.64 7.41 5.13
CA PHE A 270 10.66 8.00 4.21
C PHE A 270 9.86 6.87 3.57
N GLY A 271 8.97 6.28 4.37
CA GLY A 271 8.17 5.16 3.91
C GLY A 271 6.98 4.93 4.81
N GLU A 272 6.29 3.84 4.55
CA GLU A 272 5.05 3.54 5.27
C GLU A 272 5.29 3.19 6.73
N VAL A 273 6.53 2.85 7.11
CA VAL A 273 6.83 2.57 8.51
C VAL A 273 6.78 3.82 9.38
N THR A 274 6.69 5.00 8.78
CA THR A 274 6.61 6.26 9.50
C THR A 274 5.22 6.84 9.35
N ASP A 275 4.60 7.17 10.48
CA ASP A 275 3.28 7.79 10.46
C ASP A 275 3.35 9.17 9.83
N SER A 276 2.57 9.39 8.78
CA SER A 276 2.58 10.67 8.08
C SER A 276 1.76 11.74 8.79
N LEU A 277 1.04 11.38 9.85
CA LEU A 277 0.32 12.33 10.72
C LEU A 277 -0.70 13.09 9.87
N LEU A 278 -0.68 14.42 9.83
CA LEU A 278 -1.68 15.19 9.09
C LEU A 278 -1.50 15.07 7.58
N PHE A 279 -0.42 14.46 7.10
CA PHE A 279 -0.23 14.18 5.70
C PHE A 279 -0.58 12.72 5.41
N THR A 280 -0.68 12.41 4.13
CA THR A 280 -0.77 11.04 3.65
C THR A 280 0.44 10.76 2.77
N TRP A 281 0.87 9.50 2.73
CA TRP A 281 2.01 9.14 1.90
C TRP A 281 1.67 9.16 0.41
N GLU A 282 0.37 9.08 0.07
CA GLU A 282 -0.01 9.15 -1.34
C GLU A 282 0.31 10.52 -1.93
N GLU A 283 0.13 11.58 -1.15
CA GLU A 283 0.45 12.93 -1.60
C GLU A 283 1.89 13.33 -1.32
N LEU A 284 2.58 12.63 -0.42
CA LEU A 284 3.98 12.93 -0.15
C LEU A 284 4.89 12.36 -1.23
N ILE A 285 4.59 11.15 -1.70
CA ILE A 285 5.33 10.60 -2.83
C ILE A 285 4.96 11.34 -4.12
N SER A 286 3.69 11.74 -4.25
CA SER A 286 3.20 12.38 -5.46
C SER A 286 3.93 13.68 -5.77
N GLU A 287 4.53 14.33 -4.76
CA GLU A 287 5.29 15.56 -4.96
C GLU A 287 4.41 16.65 -5.58
N ASN A 288 3.15 16.70 -5.16
CA ASN A 288 2.16 17.60 -5.72
C ASN A 288 2.18 18.93 -4.96
N ASN A 289 1.22 19.79 -5.27
CA ASN A 289 1.00 21.04 -4.54
C ASN A 289 0.36 20.69 -3.20
N LEU A 290 1.22 20.39 -2.21
CA LEU A 290 0.73 19.99 -0.90
C LEU A 290 0.12 21.15 -0.13
N ASN A 291 0.39 22.39 -0.53
CA ASN A 291 -0.19 23.54 0.17
C ASN A 291 -1.71 23.58 0.02
N GLY A 292 -2.23 23.16 -1.13
CA GLY A 292 -3.65 23.11 -1.35
C GLY A 292 -4.17 24.30 -2.13
N ASP A 293 -5.49 24.48 -2.06
CA ASP A 293 -6.17 25.59 -2.72
C ASP A 293 -6.31 26.74 -1.74
N PHE A 294 -5.62 27.85 -2.02
CA PHE A 294 -5.70 29.04 -1.18
C PHE A 294 -5.60 30.28 -2.06
N SER A 295 -6.06 31.39 -1.49
CA SER A 295 -6.03 32.67 -2.19
C SER A 295 -4.68 33.37 -1.97
N GLU A 296 -4.48 34.44 -2.74
CA GLU A 296 -3.23 35.20 -2.64
C GLU A 296 -3.15 36.04 -1.37
N VAL A 297 -4.24 36.17 -0.61
CA VAL A 297 -4.19 36.92 0.64
C VAL A 297 -3.76 36.06 1.83
N ASP A 298 -3.84 34.73 1.70
CA ASP A 298 -3.41 33.83 2.76
C ASP A 298 -2.11 33.09 2.45
N ALA A 299 -1.78 32.91 1.18
CA ALA A 299 -0.61 32.12 0.80
C ALA A 299 0.67 32.93 0.97
N GLN A 300 1.71 32.26 1.47
CA GLN A 300 3.04 32.87 1.55
C GLN A 300 3.85 32.48 0.32
N GLU A 301 5.17 32.43 0.45
CA GLU A 301 6.01 32.04 -0.67
C GLU A 301 5.90 30.55 -0.94
N GLN A 302 6.13 30.17 -2.20
CA GLN A 302 6.04 28.78 -2.61
C GLN A 302 7.27 27.97 -2.25
N ASP A 303 8.41 28.62 -2.04
CA ASP A 303 9.61 27.91 -1.61
C ASP A 303 9.39 27.24 -0.26
N SER A 304 8.52 27.80 0.57
CA SER A 304 8.23 27.20 1.86
C SER A 304 7.44 25.90 1.69
N PRO A 305 7.71 24.89 2.49
CA PRO A 305 6.92 23.66 2.41
C PRO A 305 5.54 23.84 3.03
N ALA A 306 4.71 22.81 2.86
CA ALA A 306 3.38 22.82 3.43
C ALA A 306 3.47 22.60 4.94
N PHE A 307 2.78 23.45 5.71
CA PHE A 307 2.78 23.38 7.16
C PHE A 307 1.35 23.14 7.64
N ARG A 308 1.09 21.96 8.18
CA ARG A 308 -0.23 21.58 8.64
C ARG A 308 -0.24 21.41 10.16
N CYS A 309 -1.25 22.00 10.81
CA CYS A 309 -1.45 21.82 12.24
C CYS A 309 -2.94 21.60 12.48
N THR A 310 -3.26 21.06 13.66
CA THR A 310 -4.63 20.72 13.98
C THR A 310 -5.42 21.97 14.30
N ASN A 311 -6.61 22.07 13.72
CA ASN A 311 -7.49 23.22 13.92
C ASN A 311 -8.56 22.88 14.97
N SER A 312 -9.39 23.87 15.27
CA SER A 312 -10.36 23.73 16.36
C SER A 312 -11.32 22.58 16.10
N GLU A 313 -11.41 21.68 17.06
CA GLU A 313 -12.31 20.52 16.98
C GLU A 313 -12.55 19.92 18.35
N TYR A 321 -2.96 5.21 19.97
CA TYR A 321 -2.58 5.51 21.35
C TYR A 321 -3.50 4.78 22.33
N LEU A 322 -4.74 4.54 21.90
CA LEU A 322 -5.73 3.92 22.77
C LEU A 322 -5.52 2.41 22.88
N SER A 323 -5.03 1.77 21.83
CA SER A 323 -4.75 0.34 21.88
C SER A 323 -3.41 0.03 22.53
N TYR A 324 -2.66 1.04 22.98
CA TYR A 324 -1.39 0.80 23.66
C TYR A 324 -1.60 -0.01 24.93
N ARG A 325 -2.47 0.47 25.81
CA ARG A 325 -2.68 -0.12 27.12
C ARG A 325 -3.62 -1.32 27.11
N LEU A 326 -4.16 -1.67 25.96
CA LEU A 326 -5.05 -2.81 25.80
C LEU A 326 -4.26 -4.03 25.34
N PRO A 327 -4.77 -5.24 25.57
CA PRO A 327 -4.04 -6.44 25.14
C PRO A 327 -4.14 -6.63 23.64
N LYS A 328 -3.37 -7.60 23.13
CA LYS A 328 -3.45 -7.95 21.73
C LYS A 328 -4.85 -8.46 21.39
N ASP A 329 -5.47 -9.19 22.32
CA ASP A 329 -6.85 -9.62 22.14
C ASP A 329 -7.82 -8.45 22.25
N PHE A 330 -7.46 -7.43 23.03
CA PHE A 330 -8.30 -6.26 23.34
C PHE A 330 -9.78 -6.61 23.48
N ASP A 338 -15.08 -0.47 26.45
CA ASP A 338 -15.86 -0.63 27.67
C ASP A 338 -15.48 -1.93 28.37
N ALA A 339 -14.89 -1.80 29.56
CA ALA A 339 -14.43 -2.98 30.31
C ALA A 339 -15.58 -3.82 30.84
N HIS A 340 -16.79 -3.26 30.92
CA HIS A 340 -17.94 -4.02 31.40
C HIS A 340 -18.30 -5.14 30.42
N LYS A 341 -18.37 -4.81 29.13
CA LYS A 341 -18.67 -5.82 28.12
C LYS A 341 -17.54 -6.81 27.97
N LEU A 342 -16.29 -6.39 28.23
CA LEU A 342 -15.15 -7.29 28.08
C LEU A 342 -15.19 -8.41 29.10
N ILE A 343 -15.45 -8.08 30.37
CA ILE A 343 -15.48 -9.10 31.41
C ILE A 343 -16.74 -9.97 31.28
N ASP A 344 -17.86 -9.39 30.83
CA ASP A 344 -19.01 -10.20 30.48
C ASP A 344 -18.67 -11.18 29.37
N PHE A 345 -17.88 -10.75 28.40
CA PHE A 345 -17.41 -11.64 27.34
C PHE A 345 -16.44 -12.68 27.88
N LEU A 346 -15.72 -12.35 28.95
CA LEU A 346 -14.79 -13.31 29.55
C LEU A 346 -15.53 -14.42 30.30
N LYS A 347 -16.62 -14.07 30.98
CA LYS A 347 -17.42 -15.09 31.66
C LYS A 347 -18.01 -16.07 30.67
N LEU A 348 -18.49 -15.57 29.52
CA LEU A 348 -19.10 -16.44 28.53
C LEU A 348 -18.08 -17.39 27.93
N LYS A 349 -16.88 -16.90 27.61
CA LYS A 349 -15.87 -17.76 27.01
C LYS A 349 -15.30 -18.75 28.01
N ARG A 350 -15.22 -18.38 29.29
CA ARG A 350 -14.71 -19.32 30.29
C ARG A 350 -15.67 -20.49 30.48
N ASN A 351 -16.98 -20.21 30.51
CA ASN A 351 -17.95 -21.29 30.64
C ASN A 351 -17.94 -22.19 29.41
N GLN A 352 -17.71 -21.61 28.22
CA GLN A 352 -17.65 -22.41 27.01
C GLN A 352 -16.37 -23.23 26.93
N GLN A 353 -15.27 -22.70 27.45
CA GLN A 353 -14.03 -23.47 27.46
C GLN A 353 -14.07 -24.62 28.46
N GLU A 354 -14.87 -24.48 29.52
CA GLU A 354 -15.08 -25.60 30.44
C GLU A 354 -15.79 -26.75 29.74
N ASP A 355 -16.67 -26.44 28.80
CA ASP A 355 -17.33 -27.45 27.97
C ASP A 355 -16.46 -27.84 26.78
N ASP A 356 -16.15 -26.87 25.92
CA ASP A 356 -15.30 -27.04 24.73
C ASP A 356 -15.56 -28.34 23.97
N PRO B 4 -14.13 5.82 46.56
CA PRO B 4 -13.00 5.54 45.65
C PRO B 4 -11.70 6.13 46.16
N GLU B 5 -10.65 5.31 46.22
CA GLU B 5 -9.35 5.76 46.69
C GLU B 5 -8.26 5.39 45.69
N ILE B 6 -7.01 5.61 46.07
CA ILE B 6 -5.84 5.22 45.27
C ILE B 6 -5.21 4.03 45.96
N PHE B 7 -5.09 2.93 45.23
CA PHE B 7 -4.58 1.68 45.77
C PHE B 7 -3.21 1.35 45.18
N THR B 8 -2.31 0.85 46.02
CA THR B 8 -1.01 0.35 45.57
C THR B 8 -0.96 -1.17 45.50
N GLU B 9 -1.78 -1.86 46.29
CA GLU B 9 -1.91 -3.31 46.23
C GLU B 9 -3.39 -3.67 46.21
N LEU B 10 -3.71 -4.82 45.61
CA LEU B 10 -5.08 -5.27 45.46
C LEU B 10 -5.19 -6.72 45.87
N GLU B 11 -6.19 -7.04 46.69
CA GLU B 11 -6.57 -8.41 46.99
C GLU B 11 -7.81 -8.73 46.16
N ILE B 12 -7.67 -9.71 45.25
CA ILE B 12 -8.69 -9.97 44.25
C ILE B 12 -9.09 -11.44 44.26
N SER B 13 -10.27 -11.71 43.71
CA SER B 13 -10.70 -13.06 43.38
C SER B 13 -10.68 -13.18 41.86
N TYR B 14 -9.85 -14.09 41.35
CA TYR B 14 -9.59 -14.20 39.93
C TYR B 14 -10.17 -15.48 39.35
N PHE B 15 -10.41 -15.45 38.04
CA PHE B 15 -10.90 -16.61 37.31
C PHE B 15 -10.15 -16.66 35.98
N LEU B 16 -9.34 -17.69 35.79
CA LEU B 16 -8.53 -17.83 34.57
C LEU B 16 -9.28 -18.65 33.52
N LEU B 17 -9.01 -18.32 32.27
CA LEU B 17 -9.55 -19.12 31.17
C LEU B 17 -8.81 -20.44 31.06
N ARG B 18 -9.45 -21.41 30.41
CA ARG B 18 -8.79 -22.70 30.20
C ARG B 18 -7.65 -22.57 29.19
N ARG B 19 -7.91 -21.91 28.06
CA ARG B 19 -6.90 -21.70 27.03
C ARG B 19 -7.02 -20.28 26.51
N LEU B 20 -6.05 -19.89 25.70
CA LEU B 20 -6.04 -18.55 25.13
C LEU B 20 -7.11 -18.41 24.05
N LEU B 21 -7.41 -17.17 23.69
CA LEU B 21 -8.40 -16.88 22.68
C LEU B 21 -7.83 -17.09 21.27
N GLY B 22 -8.65 -16.84 20.26
CA GLY B 22 -8.23 -17.01 18.89
C GLY B 22 -8.24 -18.45 18.43
N LYS B 30 -6.04 -25.23 17.89
CA LYS B 30 -6.01 -25.50 19.33
C LYS B 30 -5.07 -24.53 20.04
N ALA B 31 -5.64 -23.44 20.55
CA ALA B 31 -4.83 -22.42 21.22
C ALA B 31 -4.22 -22.99 22.50
N ALA B 32 -3.11 -22.38 22.91
CA ALA B 32 -2.37 -22.87 24.07
C ALA B 32 -3.16 -22.62 25.35
N LYS B 33 -2.89 -23.46 26.35
CA LYS B 33 -3.54 -23.33 27.65
C LYS B 33 -2.97 -22.14 28.40
N VAL B 34 -3.63 -21.80 29.50
CA VAL B 34 -3.23 -20.68 30.35
C VAL B 34 -2.57 -21.23 31.60
N GLN B 35 -1.33 -20.81 31.85
CA GLN B 35 -0.61 -21.25 33.03
C GLN B 35 -1.21 -20.61 34.29
N LYS B 36 -0.94 -21.23 35.43
CA LYS B 36 -1.41 -20.70 36.69
C LYS B 36 -0.57 -19.48 37.10
N LEU B 37 -1.15 -18.67 37.98
CA LEU B 37 -0.45 -17.48 38.44
C LEU B 37 0.79 -17.87 39.26
N SER B 38 1.89 -17.19 39.00
CA SER B 38 3.14 -17.40 39.70
C SER B 38 3.63 -16.10 40.30
N LYS B 39 4.20 -16.17 41.50
CA LYS B 39 4.71 -14.97 42.14
C LYS B 39 5.78 -14.31 41.27
N ASN B 40 5.82 -12.97 41.33
CA ASN B 40 6.79 -12.10 40.68
C ASN B 40 6.57 -11.95 39.18
N GLU B 41 5.55 -12.59 38.60
CA GLU B 41 5.20 -12.28 37.23
C GLU B 41 4.35 -11.01 37.20
N VAL B 42 4.54 -10.22 36.15
CA VAL B 42 3.82 -8.96 36.00
C VAL B 42 2.72 -9.15 34.96
N LEU B 43 1.48 -8.89 35.38
CA LEU B 43 0.33 -8.98 34.51
C LEU B 43 -0.17 -7.58 34.16
N MET B 44 -0.83 -7.47 33.01
CA MET B 44 -1.49 -6.24 32.62
C MET B 44 -2.90 -6.25 33.22
N VAL B 45 -3.25 -5.16 33.91
CA VAL B 45 -4.51 -5.07 34.62
C VAL B 45 -5.33 -3.93 34.02
N ASN B 46 -6.47 -4.27 33.44
CA ASN B 46 -7.40 -3.28 32.88
C ASN B 46 -8.49 -3.01 33.91
N ILE B 47 -8.49 -1.80 34.46
CA ILE B 47 -9.46 -1.39 35.48
C ILE B 47 -10.23 -0.21 34.91
N GLY B 48 -11.49 -0.44 34.56
CA GLY B 48 -12.33 0.61 34.02
C GLY B 48 -11.81 1.18 32.73
N SER B 49 -11.31 2.42 32.77
CA SER B 49 -10.82 3.12 31.59
C SER B 49 -9.31 3.35 31.63
N LEU B 50 -8.58 2.55 32.40
CA LEU B 50 -7.14 2.70 32.49
C LEU B 50 -6.51 1.33 32.70
N SER B 51 -5.21 1.24 32.42
CA SER B 51 -4.45 0.01 32.57
C SER B 51 -3.29 0.26 33.52
N THR B 52 -2.78 -0.84 34.08
CA THR B 52 -1.62 -0.80 34.97
C THR B 52 -1.04 -2.20 35.06
N GLY B 53 0.17 -2.28 35.59
CA GLY B 53 0.82 -3.55 35.79
C GLY B 53 0.57 -4.10 37.18
N GLY B 54 0.54 -5.42 37.29
CA GLY B 54 0.35 -6.07 38.57
C GLY B 54 1.33 -7.21 38.79
N ARG B 55 2.20 -7.06 39.79
CA ARG B 55 3.16 -8.09 40.14
C ARG B 55 2.52 -9.05 41.13
N VAL B 56 2.40 -10.32 40.75
CA VAL B 56 1.79 -11.32 41.62
C VAL B 56 2.67 -11.53 42.85
N SER B 57 2.06 -11.40 44.03
CA SER B 57 2.77 -11.58 45.29
C SER B 57 2.20 -12.68 46.17
N ALA B 58 1.00 -13.17 45.88
CA ALA B 58 0.39 -14.25 46.65
C ALA B 58 -0.68 -14.91 45.79
N VAL B 59 -0.80 -16.23 45.90
CA VAL B 59 -1.70 -17.01 45.05
C VAL B 59 -2.44 -18.02 45.92
N LYS B 60 -3.76 -18.08 45.74
CA LYS B 60 -4.60 -19.16 46.22
C LYS B 60 -5.44 -19.68 45.07
N ALA B 61 -6.28 -20.68 45.35
CA ALA B 61 -7.10 -21.29 44.30
C ALA B 61 -8.00 -20.26 43.64
N ASP B 62 -8.62 -19.39 44.43
CA ASP B 62 -9.52 -18.38 43.92
C ASP B 62 -9.12 -16.96 44.29
N LEU B 63 -8.16 -16.77 45.19
CA LEU B 63 -7.75 -15.46 45.64
C LEU B 63 -6.31 -15.17 45.23
N GLY B 64 -5.94 -13.90 45.29
CA GLY B 64 -4.60 -13.50 44.94
C GLY B 64 -4.34 -12.06 45.33
N LYS B 65 -3.05 -11.71 45.35
CA LYS B 65 -2.60 -10.36 45.64
C LYS B 65 -1.66 -9.91 44.54
N ILE B 66 -1.88 -8.70 44.02
CA ILE B 66 -1.03 -8.11 43.00
C ILE B 66 -0.52 -6.77 43.51
N VAL B 67 0.78 -6.53 43.35
CA VAL B 67 1.41 -5.28 43.72
C VAL B 67 1.48 -4.43 42.46
N LEU B 68 0.75 -3.31 42.46
CA LEU B 68 0.63 -2.50 41.25
C LEU B 68 1.94 -1.79 40.93
N THR B 69 2.32 -1.84 39.65
CA THR B 69 3.49 -1.09 39.19
C THR B 69 3.20 0.40 39.10
N ASN B 70 1.94 0.81 39.13
CA ASN B 70 1.53 2.20 39.08
C ASN B 70 0.17 2.34 39.76
N PRO B 71 0.08 3.06 40.88
CA PRO B 71 -1.19 3.12 41.61
C PRO B 71 -2.29 3.78 40.79
N VAL B 72 -3.49 3.20 40.88
CA VAL B 72 -4.65 3.68 40.15
C VAL B 72 -5.76 4.03 41.15
N CYS B 73 -6.81 4.65 40.62
CA CYS B 73 -7.98 5.03 41.40
C CYS B 73 -9.12 4.08 41.08
N THR B 74 -9.58 3.36 42.09
CA THR B 74 -10.68 2.41 41.92
C THR B 74 -11.37 2.23 43.27
N GLU B 75 -12.04 1.10 43.45
CA GLU B 75 -12.78 0.85 44.69
C GLU B 75 -13.01 -0.65 44.83
N VAL B 76 -13.36 -1.05 46.06
CA VAL B 76 -13.67 -2.44 46.33
C VAL B 76 -14.90 -2.85 45.55
N GLY B 77 -14.84 -4.04 44.95
CA GLY B 77 -15.95 -4.58 44.18
C GLY B 77 -15.87 -4.35 42.69
N GLU B 78 -14.97 -3.48 42.23
CA GLU B 78 -14.83 -3.23 40.80
C GLU B 78 -14.11 -4.39 40.13
N LYS B 79 -14.63 -4.83 39.00
CA LYS B 79 -14.08 -5.97 38.28
C LYS B 79 -12.96 -5.52 37.35
N ILE B 80 -11.95 -6.38 37.21
CA ILE B 80 -10.74 -6.07 36.47
C ILE B 80 -10.49 -7.17 35.43
N ALA B 81 -9.64 -6.84 34.46
CA ALA B 81 -9.21 -7.78 33.44
C ALA B 81 -7.72 -8.04 33.58
N LEU B 82 -7.31 -9.28 33.32
CA LEU B 82 -5.93 -9.70 33.50
C LEU B 82 -5.35 -10.20 32.18
N SER B 83 -4.13 -9.78 31.88
CA SER B 83 -3.41 -10.22 30.69
C SER B 83 -1.99 -10.60 31.06
N ARG B 84 -1.44 -11.54 30.31
CA ARG B 84 -0.11 -12.08 30.56
C ARG B 84 0.73 -11.98 29.30
N ARG B 85 2.01 -11.66 29.48
CA ARG B 85 2.95 -11.58 28.36
C ARG B 85 3.17 -12.98 27.80
N VAL B 86 2.61 -13.25 26.62
CA VAL B 86 2.73 -14.55 25.98
C VAL B 86 3.36 -14.31 24.60
N GLU B 87 4.59 -14.79 24.42
CA GLU B 87 5.32 -14.65 23.17
C GLU B 87 5.40 -13.19 22.72
N LYS B 88 5.75 -12.32 23.68
CA LYS B 88 5.94 -10.89 23.45
C LYS B 88 4.67 -10.21 22.97
N HIS B 89 3.52 -10.66 23.47
CA HIS B 89 2.23 -10.04 23.22
C HIS B 89 1.37 -10.14 24.47
N TRP B 90 0.62 -9.08 24.75
CA TRP B 90 -0.30 -9.09 25.89
C TRP B 90 -1.54 -9.89 25.52
N ARG B 91 -1.75 -11.01 26.20
CA ARG B 91 -2.86 -11.91 25.91
C ARG B 91 -3.75 -12.02 27.14
N LEU B 92 -5.07 -11.95 26.92
CA LEU B 92 -6.03 -12.09 28.00
C LEU B 92 -5.98 -13.50 28.58
N ILE B 93 -5.92 -13.59 29.91
CA ILE B 93 -5.95 -14.87 30.59
C ILE B 93 -7.14 -15.03 31.53
N GLY B 94 -7.81 -13.94 31.91
CA GLY B 94 -8.95 -14.06 32.80
C GLY B 94 -9.37 -12.70 33.32
N TRP B 95 -10.13 -12.71 34.41
CA TRP B 95 -10.62 -11.50 35.02
C TRP B 95 -10.59 -11.67 36.54
N GLY B 96 -10.84 -10.57 37.25
CA GLY B 96 -10.88 -10.59 38.69
C GLY B 96 -11.83 -9.53 39.22
N GLN B 97 -11.92 -9.48 40.55
CA GLN B 97 -12.73 -8.48 41.23
C GLN B 97 -12.05 -8.10 42.52
N ILE B 98 -12.02 -6.81 42.82
CA ILE B 98 -11.30 -6.29 43.97
C ILE B 98 -12.07 -6.61 45.25
N ARG B 99 -11.40 -7.25 46.20
CA ARG B 99 -11.95 -7.54 47.52
C ARG B 99 -11.40 -6.59 48.58
N ARG B 100 -10.08 -6.40 48.59
CA ARG B 100 -9.42 -5.53 49.54
C ARG B 100 -8.29 -4.80 48.83
N GLY B 101 -7.79 -3.75 49.47
CA GLY B 101 -6.74 -2.96 48.85
C GLY B 101 -5.91 -2.23 49.89
N VAL B 102 -4.65 -1.98 49.54
CA VAL B 102 -3.76 -1.17 50.35
C VAL B 102 -3.72 0.23 49.74
N THR B 103 -4.20 1.21 50.49
CA THR B 103 -4.31 2.57 49.99
C THR B 103 -3.16 3.43 50.51
N ILE B 104 -2.92 4.54 49.82
CA ILE B 104 -1.88 5.48 50.21
C ILE B 104 -2.41 6.91 50.14
N PRO C 16 23.04 7.96 -16.16
CA PRO C 16 22.60 6.74 -16.84
C PRO C 16 21.64 7.03 -17.99
N ARG C 17 21.62 6.15 -19.00
CA ARG C 17 20.85 6.39 -20.21
C ARG C 17 19.36 6.20 -20.01
N GLY C 18 18.95 5.43 -19.02
CA GLY C 18 17.54 5.10 -18.87
C GLY C 18 16.87 5.68 -17.63
N SER C 19 17.62 6.42 -16.82
CA SER C 19 17.04 6.99 -15.61
C SER C 19 16.09 8.14 -15.92
N HIS C 20 16.39 8.92 -16.96
CA HIS C 20 15.58 10.07 -17.34
C HIS C 20 14.99 9.84 -18.71
N MET C 21 13.66 9.85 -18.79
CA MET C 21 12.93 9.70 -20.04
C MET C 21 12.34 11.04 -20.45
N LYS C 22 12.65 11.49 -21.66
CA LYS C 22 12.15 12.76 -22.16
C LYS C 22 10.77 12.58 -22.78
N LYS C 23 10.02 13.68 -22.84
CA LYS C 23 8.73 13.65 -23.49
C LYS C 23 8.86 13.41 -24.99
N GLU C 24 10.00 13.79 -25.57
CA GLU C 24 10.24 13.52 -26.98
C GLU C 24 10.33 12.02 -27.26
N HIS C 25 10.81 11.24 -26.29
CA HIS C 25 10.88 9.80 -26.47
C HIS C 25 9.50 9.19 -26.60
N VAL C 26 8.54 9.68 -25.82
CA VAL C 26 7.17 9.17 -25.89
C VAL C 26 6.56 9.49 -27.25
N LEU C 27 6.82 10.69 -27.78
CA LEU C 27 6.26 11.07 -29.07
C LEU C 27 6.78 10.19 -30.18
N HIS C 28 8.06 9.79 -30.12
CA HIS C 28 8.64 8.95 -31.14
C HIS C 28 8.01 7.56 -31.18
N CYS C 29 7.38 7.13 -30.10
CA CYS C 29 6.74 5.83 -30.04
C CYS C 29 5.29 5.85 -30.53
N GLN C 30 4.77 7.03 -30.86
CA GLN C 30 3.44 7.11 -31.48
C GLN C 30 3.41 6.26 -32.74
N PHE C 31 2.28 5.55 -32.93
CA PHE C 31 2.19 4.61 -34.02
C PHE C 31 2.45 5.28 -35.37
N SER C 32 1.89 6.48 -35.58
CA SER C 32 2.08 7.17 -36.85
C SER C 32 3.50 7.73 -36.99
N ALA C 33 4.26 7.82 -35.91
CA ALA C 33 5.60 8.39 -35.98
C ALA C 33 6.60 7.41 -36.58
N TRP C 34 6.44 6.10 -36.35
CA TRP C 34 7.39 5.12 -36.82
C TRP C 34 6.84 4.17 -37.88
N TYR C 35 5.51 4.02 -37.98
CA TYR C 35 4.94 3.04 -38.90
C TYR C 35 5.41 3.19 -40.34
N PRO C 36 5.45 4.40 -40.94
CA PRO C 36 5.88 4.48 -42.35
C PRO C 36 7.30 4.02 -42.62
N PHE C 37 8.12 3.80 -41.58
CA PHE C 37 9.47 3.31 -41.76
C PHE C 37 9.59 1.80 -41.58
N PHE C 38 8.57 1.14 -41.01
CA PHE C 38 8.64 -0.28 -40.69
C PHE C 38 7.46 -1.06 -41.26
N ARG C 39 6.80 -0.54 -42.30
CA ARG C 39 5.63 -1.21 -42.85
C ARG C 39 5.94 -2.65 -43.27
N GLY C 40 7.15 -2.88 -43.77
CA GLY C 40 7.50 -4.19 -44.31
C GLY C 40 7.76 -5.27 -43.28
N VAL C 41 7.87 -4.90 -42.00
CA VAL C 41 8.20 -5.87 -40.97
C VAL C 41 7.18 -5.84 -39.83
N THR C 42 6.00 -5.28 -40.09
CA THR C 42 4.96 -5.20 -39.09
C THR C 42 3.61 -5.53 -39.73
N ILE C 43 2.55 -5.46 -38.91
CA ILE C 43 1.21 -5.80 -39.38
C ILE C 43 0.62 -4.62 -40.13
N LYS C 44 -0.01 -4.90 -41.27
CA LYS C 44 -0.62 -3.86 -42.09
C LYS C 44 -1.69 -3.12 -41.30
N SER C 45 -1.67 -1.79 -41.36
CA SER C 45 -2.52 -0.99 -40.50
C SER C 45 -2.99 0.26 -41.24
N VAL C 46 -4.01 0.90 -40.67
CA VAL C 46 -4.58 2.12 -41.18
C VAL C 46 -4.76 3.10 -40.03
N ILE C 47 -4.29 4.33 -40.19
CA ILE C 47 -4.32 5.35 -39.15
C ILE C 47 -5.35 6.40 -39.55
N LEU C 48 -6.27 6.71 -38.64
CA LEU C 48 -7.29 7.70 -38.87
C LEU C 48 -7.20 8.80 -37.81
N PRO C 49 -7.05 10.06 -38.19
CA PRO C 49 -7.05 11.13 -37.18
C PRO C 49 -8.42 11.23 -36.52
N LEU C 50 -8.40 11.38 -35.20
CA LEU C 50 -9.64 11.36 -34.42
C LEU C 50 -10.32 12.71 -34.50
N PRO C 51 -11.56 12.79 -34.96
CA PRO C 51 -12.28 14.07 -34.95
C PRO C 51 -12.54 14.54 -33.53
N GLN C 52 -12.66 15.86 -33.38
CA GLN C 52 -12.81 16.46 -32.06
C GLN C 52 -14.08 15.98 -31.36
N ASN C 53 -15.19 15.93 -32.09
CA ASN C 53 -16.45 15.52 -31.47
C ASN C 53 -16.41 14.06 -31.03
N VAL C 54 -15.66 13.22 -31.75
CA VAL C 54 -15.50 11.83 -31.32
C VAL C 54 -14.61 11.74 -30.10
N LYS C 55 -13.56 12.58 -30.05
CA LYS C 55 -12.67 12.59 -28.89
C LYS C 55 -13.40 13.05 -27.64
N ASP C 56 -14.28 14.06 -27.78
CA ASP C 56 -15.08 14.50 -26.64
C ASP C 56 -16.02 13.40 -26.16
N TYR C 57 -16.50 12.56 -27.08
CA TYR C 57 -17.37 11.46 -26.70
C TYR C 57 -16.60 10.39 -25.93
N LEU C 58 -15.39 10.06 -26.37
CA LEU C 58 -14.58 9.07 -25.68
C LEU C 58 -14.16 9.54 -24.30
N LEU C 59 -14.00 10.85 -24.10
CA LEU C 59 -13.60 11.42 -22.83
C LEU C 59 -14.79 11.81 -21.95
N ASP C 60 -15.99 11.33 -22.28
CA ASP C 60 -17.18 11.67 -21.50
C ASP C 60 -17.07 11.08 -20.10
N ASP C 61 -17.38 11.90 -19.10
CA ASP C 61 -17.28 11.49 -17.70
C ASP C 61 -18.57 10.92 -17.14
N GLY C 62 -19.55 10.61 -17.99
CA GLY C 62 -20.79 10.01 -17.59
C GLY C 62 -20.81 8.52 -17.81
N THR C 63 -22.02 7.95 -17.75
CA THR C 63 -22.17 6.51 -17.94
C THR C 63 -21.86 6.12 -19.37
N LEU C 64 -21.73 4.81 -19.60
CA LEU C 64 -21.28 4.27 -20.88
C LEU C 64 -22.49 3.98 -21.77
N VAL C 65 -22.63 4.74 -22.84
CA VAL C 65 -23.63 4.48 -23.88
C VAL C 65 -22.88 4.33 -25.19
N VAL C 66 -23.02 3.18 -25.83
CA VAL C 66 -22.26 2.86 -27.03
C VAL C 66 -22.87 3.56 -28.23
N SER C 67 -22.05 4.32 -28.96
CA SER C 67 -22.51 5.02 -30.14
C SER C 67 -22.48 4.11 -31.36
N GLY C 68 -23.40 4.35 -32.29
CA GLY C 68 -23.49 3.57 -33.50
C GLY C 68 -24.15 2.22 -33.35
N ARG C 69 -24.72 1.92 -32.19
CA ARG C 69 -25.38 0.63 -31.97
C ARG C 69 -26.71 0.58 -32.69
N TRP C 89 -42.98 -6.67 -18.40
CA TRP C 89 -42.34 -5.37 -18.29
C TRP C 89 -43.03 -4.35 -19.19
N SER C 90 -43.99 -3.58 -18.64
CA SER C 90 -44.76 -2.71 -19.50
C SER C 90 -45.22 -1.40 -18.87
N ASP C 91 -44.75 -1.01 -17.67
CA ASP C 91 -45.33 0.19 -17.09
C ASP C 91 -44.41 1.00 -16.17
N ASP C 92 -43.10 0.88 -16.28
CA ASP C 92 -42.20 1.77 -15.55
C ASP C 92 -41.65 2.83 -16.49
N GLU C 93 -41.85 4.09 -16.13
CA GLU C 93 -41.21 5.21 -16.78
C GLU C 93 -40.32 5.99 -15.83
N ASN C 94 -40.18 5.53 -14.58
CA ASN C 94 -39.26 6.13 -13.62
C ASN C 94 -37.82 6.08 -14.07
N THR C 95 -37.49 5.32 -15.12
CA THR C 95 -36.13 5.24 -15.62
C THR C 95 -36.03 5.99 -16.94
N ALA C 96 -34.86 6.58 -17.18
CA ALA C 96 -34.61 7.34 -18.40
C ALA C 96 -34.10 6.42 -19.50
N THR C 97 -34.27 6.87 -20.74
CA THR C 97 -33.68 6.23 -21.90
C THR C 97 -32.53 7.10 -22.39
N LEU C 98 -31.31 6.58 -22.31
CA LEU C 98 -30.12 7.31 -22.68
C LEU C 98 -29.70 6.96 -24.10
N THR C 99 -29.20 7.95 -24.83
CA THR C 99 -28.67 7.77 -26.16
C THR C 99 -27.25 8.33 -26.22
N ALA C 100 -26.55 8.02 -27.30
CA ALA C 100 -25.21 8.51 -27.52
C ALA C 100 -25.16 9.37 -28.77
N PRO C 101 -24.20 10.30 -28.86
CA PRO C 101 -24.04 11.07 -30.10
C PRO C 101 -23.59 10.16 -31.23
N GLU C 102 -24.10 10.44 -32.43
CA GLU C 102 -23.81 9.63 -33.61
C GLU C 102 -22.83 10.36 -34.52
N PHE C 103 -21.96 9.60 -35.15
CA PHE C 103 -20.92 10.13 -36.03
C PHE C 103 -20.96 9.33 -37.33
N PRO C 104 -21.95 9.59 -38.19
CA PRO C 104 -22.11 8.76 -39.40
C PRO C 104 -20.99 8.94 -40.40
N GLU C 105 -20.41 10.14 -40.51
CA GLU C 105 -19.33 10.35 -41.47
C GLU C 105 -18.06 9.62 -41.02
N PHE C 106 -17.72 9.70 -39.73
CA PHE C 106 -16.56 8.98 -39.23
C PHE C 106 -16.81 7.48 -39.19
N ALA C 107 -18.06 7.08 -39.01
CA ALA C 107 -18.38 5.65 -39.00
C ALA C 107 -18.12 5.02 -40.35
N THR C 108 -18.56 5.68 -41.43
CA THR C 108 -18.31 5.17 -42.77
C THR C 108 -16.82 5.20 -43.11
N LYS C 109 -16.12 6.25 -42.68
CA LYS C 109 -14.68 6.32 -42.90
C LYS C 109 -13.96 5.18 -42.17
N VAL C 110 -14.44 4.80 -41.00
CA VAL C 110 -13.85 3.69 -40.27
C VAL C 110 -14.24 2.36 -40.93
N GLN C 111 -15.47 2.26 -41.43
CA GLN C 111 -15.90 1.00 -42.04
C GLN C 111 -15.18 0.75 -43.35
N GLU C 112 -14.81 1.80 -44.09
CA GLU C 112 -14.04 1.60 -45.32
C GLU C 112 -12.62 1.14 -45.03
N ALA C 113 -12.05 1.59 -43.91
CA ALA C 113 -10.70 1.15 -43.55
C ALA C 113 -10.70 -0.29 -43.06
N ILE C 114 -11.75 -0.69 -42.33
CA ILE C 114 -11.84 -2.06 -41.84
C ILE C 114 -11.98 -3.03 -43.01
N ASN C 115 -12.75 -2.66 -44.03
CA ASN C 115 -12.93 -3.53 -45.18
C ASN C 115 -11.65 -3.68 -46.00
N SER C 116 -10.80 -2.64 -46.01
CA SER C 116 -9.54 -2.73 -46.75
C SER C 116 -8.54 -3.64 -46.06
N LEU C 117 -8.76 -3.99 -44.79
CA LEU C 117 -7.87 -4.86 -44.05
C LEU C 117 -8.42 -6.29 -43.93
N GLY C 118 -9.52 -6.59 -44.61
CA GLY C 118 -10.08 -7.92 -44.61
C GLY C 118 -11.39 -8.06 -43.87
N GLY C 119 -11.84 -7.03 -43.16
CA GLY C 119 -13.11 -7.05 -42.45
C GLY C 119 -12.97 -7.14 -40.94
N SER C 120 -11.80 -7.49 -40.43
CA SER C 120 -11.56 -7.60 -39.00
C SER C 120 -10.28 -6.84 -38.65
N VAL C 121 -10.31 -6.10 -37.54
CA VAL C 121 -9.22 -5.22 -37.18
C VAL C 121 -8.87 -5.38 -35.71
N PHE C 122 -7.71 -4.82 -35.36
CA PHE C 122 -7.23 -4.74 -33.98
C PHE C 122 -7.03 -3.26 -33.66
N PRO C 123 -7.87 -2.65 -32.80
CA PRO C 123 -7.80 -1.20 -32.62
C PRO C 123 -6.78 -0.76 -31.58
N LYS C 124 -6.17 0.39 -31.85
CA LYS C 124 -5.26 1.04 -30.91
C LYS C 124 -5.43 2.54 -31.01
N LEU C 125 -4.95 3.24 -29.98
CA LEU C 125 -4.83 4.69 -30.07
C LEU C 125 -3.40 5.04 -30.48
N ASN C 126 -2.87 6.15 -29.98
CA ASN C 126 -1.52 6.55 -30.37
C ASN C 126 -0.48 5.56 -29.84
N TRP C 127 -0.67 5.07 -28.61
CA TRP C 127 0.27 4.16 -27.98
C TRP C 127 -0.37 2.84 -27.58
N SER C 128 -1.53 2.89 -26.93
CA SER C 128 -2.09 1.73 -26.25
C SER C 128 -3.29 1.16 -26.99
N ALA C 129 -3.54 -0.12 -26.74
CA ALA C 129 -4.69 -0.94 -27.11
C ALA C 129 -5.59 -1.15 -25.90
N PRO C 130 -6.90 -1.32 -26.10
CA PRO C 130 -7.80 -1.53 -24.95
C PRO C 130 -7.69 -2.92 -24.34
N ARG C 131 -6.47 -3.28 -23.92
CA ARG C 131 -6.22 -4.64 -23.44
CA ARG C 131 -6.22 -4.64 -23.44
C ARG C 131 -7.03 -4.94 -22.18
N ASP C 132 -7.14 -3.98 -21.26
CA ASP C 132 -7.82 -4.21 -20.00
C ASP C 132 -9.34 -4.24 -20.13
N ALA C 133 -9.88 -4.10 -21.34
CA ALA C 133 -11.33 -4.13 -21.56
C ALA C 133 -11.76 -5.36 -22.36
N TYR C 134 -10.92 -6.38 -22.44
CA TYR C 134 -11.25 -7.57 -23.21
C TYR C 134 -12.50 -8.26 -22.67
N TRP C 135 -12.70 -8.22 -21.35
CA TRP C 135 -13.80 -8.96 -20.72
C TRP C 135 -15.16 -8.47 -21.18
N ILE C 136 -15.28 -7.19 -21.55
CA ILE C 136 -16.58 -6.63 -21.87
C ILE C 136 -17.00 -6.93 -23.30
N ALA C 137 -16.06 -7.26 -24.18
CA ALA C 137 -16.38 -7.48 -25.58
C ALA C 137 -16.92 -8.89 -25.81
N MET C 138 -17.58 -9.06 -26.95
CA MET C 138 -18.08 -10.38 -27.32
C MET C 138 -16.93 -11.37 -27.47
N ASN C 139 -17.13 -12.57 -26.92
CA ASN C 139 -16.14 -13.65 -26.94
C ASN C 139 -14.83 -13.27 -26.25
N SER C 140 -14.87 -12.23 -25.41
CA SER C 140 -13.69 -11.76 -24.68
C SER C 140 -12.51 -11.49 -25.62
N SER C 141 -12.81 -10.92 -26.78
CA SER C 141 -11.84 -10.73 -27.84
C SER C 141 -11.77 -9.26 -28.22
N LEU C 142 -10.54 -8.79 -28.49
CA LEU C 142 -10.33 -7.42 -28.96
C LEU C 142 -10.54 -7.28 -30.46
N LYS C 143 -11.11 -8.29 -31.13
CA LYS C 143 -11.34 -8.23 -32.56
C LYS C 143 -12.59 -7.41 -32.85
N CYS C 144 -12.45 -6.38 -33.67
CA CYS C 144 -13.54 -5.48 -34.01
C CYS C 144 -13.87 -5.58 -35.49
N LYS C 145 -15.16 -5.49 -35.81
CA LYS C 145 -15.61 -5.43 -37.18
C LYS C 145 -16.38 -4.16 -37.51
N THR C 146 -16.82 -3.40 -36.50
CA THR C 146 -17.51 -2.14 -36.70
C THR C 146 -16.96 -1.12 -35.71
N LEU C 147 -17.37 0.14 -35.91
CA LEU C 147 -16.96 1.20 -34.99
C LEU C 147 -17.58 1.00 -33.61
N SER C 148 -18.76 0.38 -33.55
CA SER C 148 -19.40 0.12 -32.26
C SER C 148 -18.59 -0.85 -31.42
N ASP C 149 -17.87 -1.78 -32.05
CA ASP C 149 -16.99 -2.66 -31.30
C ASP C 149 -15.81 -1.89 -30.71
N ILE C 150 -15.31 -0.88 -31.43
CA ILE C 150 -14.19 -0.09 -30.94
C ILE C 150 -14.63 0.81 -29.80
N PHE C 151 -15.79 1.48 -29.95
CA PHE C 151 -16.28 2.38 -28.92
C PHE C 151 -16.51 1.64 -27.61
N LEU C 152 -17.02 0.40 -27.68
CA LEU C 152 -17.28 -0.36 -26.46
C LEU C 152 -15.98 -0.66 -25.72
N LEU C 153 -14.91 -0.98 -26.45
CA LEU C 153 -13.64 -1.26 -25.82
C LEU C 153 -12.96 0.01 -25.33
N PHE C 154 -12.99 1.07 -26.14
CA PHE C 154 -12.25 2.29 -25.80
C PHE C 154 -12.86 2.99 -24.59
N LYS C 155 -14.19 3.01 -24.49
CA LYS C 155 -14.85 3.66 -23.36
C LYS C 155 -14.85 2.80 -22.10
N SER C 156 -14.36 1.56 -22.19
CA SER C 156 -14.22 0.70 -21.01
C SER C 156 -12.79 0.51 -20.56
N SER C 157 -11.81 1.04 -21.30
CA SER C 157 -10.40 0.79 -21.06
C SER C 157 -9.76 1.99 -20.38
N ASP C 158 -9.06 1.74 -19.27
CA ASP C 158 -8.26 2.78 -18.64
C ASP C 158 -6.93 3.00 -19.33
N PHE C 159 -6.45 2.01 -20.09
CA PHE C 159 -5.26 2.21 -20.90
C PHE C 159 -5.51 3.25 -21.99
N ILE C 160 -6.72 3.27 -22.55
CA ILE C 160 -7.06 4.26 -23.56
C ILE C 160 -7.13 5.64 -22.95
N THR C 161 -7.72 5.76 -21.75
CA THR C 161 -7.79 7.06 -21.09
C THR C 161 -6.42 7.55 -20.64
N ARG C 162 -5.47 6.65 -20.41
CA ARG C 162 -4.12 7.08 -20.05
C ARG C 162 -3.41 7.73 -21.24
N ASP C 163 -3.74 7.28 -22.46
CA ASP C 163 -3.20 7.95 -23.65
C ASP C 163 -3.75 9.36 -23.78
N PHE C 164 -5.04 9.55 -23.50
CA PHE C 164 -5.65 10.87 -23.57
C PHE C 164 -5.18 11.75 -22.42
N THR C 165 -5.49 11.34 -21.19
CA THR C 165 -5.36 12.24 -20.04
C THR C 165 -3.90 12.46 -19.65
N GLN C 166 -3.18 11.38 -19.35
CA GLN C 166 -1.84 11.47 -18.77
C GLN C 166 -0.84 10.68 -19.62
N PRO C 167 -0.51 11.18 -20.81
CA PRO C 167 0.44 10.45 -21.66
C PRO C 167 1.90 10.63 -21.26
N PHE C 168 2.24 11.71 -20.56
CA PHE C 168 3.62 12.00 -20.16
C PHE C 168 3.85 11.75 -18.67
N ILE C 169 3.31 10.66 -18.15
CA ILE C 169 3.57 10.24 -16.79
C ILE C 169 4.84 9.40 -16.76
N HIS C 170 5.63 9.56 -15.70
CA HIS C 170 6.97 9.02 -15.50
C HIS C 170 8.02 9.71 -16.36
N CYS C 171 7.66 10.78 -17.08
CA CYS C 171 8.63 11.53 -17.85
C CYS C 171 9.37 12.49 -16.93
N THR C 172 10.69 12.33 -16.84
CA THR C 172 11.54 13.23 -16.06
C THR C 172 12.08 14.32 -16.99
N ASP C 173 11.16 15.13 -17.48
CA ASP C 173 11.47 16.15 -18.48
C ASP C 173 10.93 17.49 -18.04
N ASP C 174 11.63 18.55 -18.44
CA ASP C 174 11.24 19.92 -18.13
C ASP C 174 10.46 20.59 -19.26
N SER C 175 10.44 20.00 -20.45
CA SER C 175 9.84 20.64 -21.60
C SER C 175 8.34 20.82 -21.40
N PRO C 176 7.73 21.81 -22.06
CA PRO C 176 6.27 21.89 -22.07
C PRO C 176 5.67 20.70 -22.80
N ASP C 177 4.51 20.27 -22.33
CA ASP C 177 3.84 19.11 -22.92
C ASP C 177 3.47 19.39 -24.36
N PRO C 178 4.00 18.64 -25.33
CA PRO C 178 3.68 18.92 -26.73
C PRO C 178 2.24 18.56 -27.06
N CYS C 179 1.72 19.22 -28.10
CA CYS C 179 0.37 18.93 -28.56
C CYS C 179 0.34 17.56 -29.24
N ILE C 180 -0.72 16.80 -28.97
CA ILE C 180 -0.86 15.43 -29.46
C ILE C 180 -2.06 15.39 -30.40
N GLU C 181 -1.80 14.98 -31.65
CA GLU C 181 -2.88 14.72 -32.61
C GLU C 181 -3.30 13.27 -32.43
N TYR C 182 -4.39 13.07 -31.69
CA TYR C 182 -4.83 11.71 -31.39
C TYR C 182 -5.41 11.04 -32.63
N GLU C 183 -5.21 9.73 -32.73
CA GLU C 183 -5.47 8.99 -33.94
C GLU C 183 -6.02 7.61 -33.60
N LEU C 184 -6.84 7.08 -34.50
CA LEU C 184 -7.35 5.72 -34.39
C LEU C 184 -6.50 4.81 -35.26
N VAL C 185 -5.88 3.81 -34.64
CA VAL C 185 -5.02 2.86 -35.34
C VAL C 185 -5.78 1.56 -35.51
N LEU C 186 -5.95 1.12 -36.76
CA LEU C 186 -6.65 -0.11 -37.09
C LEU C 186 -5.68 -1.05 -37.79
N ARG C 187 -5.40 -2.19 -37.16
CA ARG C 187 -4.47 -3.17 -37.70
C ARG C 187 -5.22 -4.43 -38.12
N LYS C 188 -4.73 -5.07 -39.18
CA LYS C 188 -5.33 -6.32 -39.63
C LYS C 188 -5.30 -7.35 -38.51
N TRP C 189 -6.45 -7.98 -38.27
CA TRP C 189 -6.52 -9.01 -37.24
C TRP C 189 -5.70 -10.22 -37.65
N CYS C 190 -4.93 -10.74 -36.69
CA CYS C 190 -4.06 -11.89 -36.92
C CYS C 190 -4.32 -12.96 -35.87
N GLU C 191 -4.35 -14.21 -36.31
CA GLU C 191 -4.48 -15.35 -35.40
C GLU C 191 -3.09 -15.71 -34.88
N LEU C 192 -2.66 -14.98 -33.87
CA LEU C 192 -1.34 -15.17 -33.29
C LEU C 192 -1.32 -16.44 -32.45
N ILE C 193 -0.32 -17.28 -32.66
CA ILE C 193 -0.17 -18.49 -31.83
C ILE C 193 0.35 -18.08 -30.45
N PRO C 194 -0.13 -18.69 -29.37
CA PRO C 194 0.31 -18.28 -28.04
C PRO C 194 1.74 -18.69 -27.75
N GLY C 195 2.43 -17.85 -26.99
CA GLY C 195 3.79 -18.15 -26.58
C GLY C 195 4.85 -17.89 -27.63
N ALA C 196 4.63 -16.90 -28.50
CA ALA C 196 5.58 -16.59 -29.56
C ALA C 196 5.89 -15.09 -29.64
N GLU C 197 5.67 -14.36 -28.54
CA GLU C 197 5.90 -12.93 -28.49
C GLU C 197 6.94 -12.61 -27.43
N PHE C 198 7.82 -11.65 -27.73
CA PHE C 198 8.93 -11.32 -26.86
C PHE C 198 9.11 -9.81 -26.85
N ARG C 199 9.67 -9.31 -25.74
CA ARG C 199 9.95 -7.89 -25.57
C ARG C 199 11.47 -7.69 -25.52
N CYS C 200 11.97 -6.85 -26.41
CA CYS C 200 13.40 -6.64 -26.57
C CYS C 200 13.78 -5.23 -26.13
N PHE C 201 14.88 -5.11 -25.38
CA PHE C 201 15.31 -3.86 -24.79
C PHE C 201 16.62 -3.42 -25.43
N VAL C 202 16.71 -2.15 -25.78
CA VAL C 202 17.85 -1.60 -26.53
C VAL C 202 18.41 -0.40 -25.78
N LYS C 203 19.73 -0.34 -25.65
CA LYS C 203 20.42 0.81 -25.10
C LYS C 203 21.61 1.14 -25.99
N GLU C 204 21.70 2.39 -26.42
CA GLU C 204 22.74 2.85 -27.35
C GLU C 204 22.77 1.99 -28.60
N ASN C 205 21.58 1.77 -29.18
CA ASN C 205 21.41 0.95 -30.38
C ASN C 205 22.04 -0.44 -30.21
N LYS C 206 22.01 -0.96 -28.99
CA LYS C 206 22.55 -2.29 -28.69
C LYS C 206 21.47 -3.12 -28.00
N LEU C 207 21.22 -4.31 -28.52
CA LEU C 207 20.29 -5.24 -27.90
C LEU C 207 20.90 -5.80 -26.63
N ILE C 208 20.36 -5.42 -25.47
CA ILE C 208 20.93 -5.84 -24.19
C ILE C 208 20.10 -6.90 -23.49
N GLY C 209 18.84 -7.10 -23.87
CA GLY C 209 18.02 -8.09 -23.21
C GLY C 209 16.78 -8.48 -23.97
N ILE C 210 16.40 -9.75 -23.88
CA ILE C 210 15.18 -10.27 -24.49
C ILE C 210 14.37 -10.99 -23.42
N SER C 211 13.08 -10.69 -23.35
CA SER C 211 12.20 -11.27 -22.35
C SER C 211 10.98 -11.87 -23.01
N GLN C 212 10.50 -12.98 -22.47
CA GLN C 212 9.20 -13.50 -22.85
C GLN C 212 8.13 -12.48 -22.47
N ARG C 213 7.22 -12.20 -23.40
CA ARG C 213 6.25 -11.14 -23.13
C ARG C 213 5.13 -11.60 -22.21
N ASP C 214 4.55 -12.76 -22.48
CA ASP C 214 3.53 -13.34 -21.61
C ASP C 214 4.19 -14.22 -20.54
N TYR C 215 4.99 -13.56 -19.69
CA TYR C 215 5.79 -14.25 -18.69
C TYR C 215 4.97 -14.83 -17.55
N THR C 216 3.65 -14.70 -17.59
CA THR C 216 2.81 -15.34 -16.56
C THR C 216 2.65 -16.83 -16.83
N GLN C 217 2.48 -17.20 -18.10
CA GLN C 217 2.27 -18.59 -18.47
C GLN C 217 3.61 -19.24 -18.87
N TYR C 218 3.64 -20.57 -18.76
CA TYR C 218 4.80 -21.36 -19.15
C TYR C 218 4.54 -22.06 -20.46
N TYR C 219 5.46 -21.89 -21.42
CA TYR C 219 5.38 -22.55 -22.71
C TYR C 219 6.63 -23.40 -22.89
N ASP C 220 6.44 -24.71 -23.01
CA ASP C 220 7.58 -25.63 -23.04
C ASP C 220 8.38 -25.50 -24.33
N HIS C 221 7.74 -25.07 -25.42
CA HIS C 221 8.44 -24.94 -26.70
C HIS C 221 9.37 -23.73 -26.76
N ILE C 222 9.38 -22.88 -25.73
CA ILE C 222 10.32 -21.77 -25.69
C ILE C 222 11.70 -22.26 -25.26
N SER C 223 11.75 -23.16 -24.27
CA SER C 223 13.03 -23.71 -23.85
C SER C 223 13.65 -24.61 -24.91
N LYS C 224 12.83 -25.33 -25.68
CA LYS C 224 13.35 -26.21 -26.71
C LYS C 224 13.99 -25.42 -27.84
N GLN C 225 13.36 -24.31 -28.26
CA GLN C 225 13.87 -23.47 -29.32
C GLN C 225 14.52 -22.19 -28.79
N LYS C 226 15.09 -22.24 -27.59
CA LYS C 226 15.60 -21.03 -26.95
C LYS C 226 16.70 -20.38 -27.79
N GLU C 227 17.64 -21.19 -28.29
CA GLU C 227 18.75 -20.64 -29.07
C GLU C 227 18.32 -20.23 -30.47
N GLU C 228 17.36 -20.94 -31.06
CA GLU C 228 16.86 -20.55 -32.38
C GLU C 228 16.07 -19.26 -32.31
N ILE C 229 15.29 -19.06 -31.25
CA ILE C 229 14.54 -17.83 -31.08
C ILE C 229 15.48 -16.64 -30.91
N ARG C 230 16.52 -16.80 -30.09
CA ARG C 230 17.43 -15.69 -29.84
C ARG C 230 18.22 -15.33 -31.09
N ARG C 231 18.63 -16.33 -31.87
CA ARG C 231 19.37 -16.07 -33.10
C ARG C 231 18.50 -15.34 -34.11
N CYS C 232 17.24 -15.75 -34.24
CA CYS C 232 16.36 -15.10 -35.21
C CYS C 232 16.01 -13.67 -34.81
N ILE C 233 16.01 -13.38 -33.51
CA ILE C 233 15.75 -12.01 -33.06
C ILE C 233 16.99 -11.15 -33.23
N GLN C 234 18.18 -11.72 -33.01
CA GLN C 234 19.42 -10.97 -33.19
C GLN C 234 19.62 -10.58 -34.65
N ASP C 235 19.26 -11.48 -35.59
CA ASP C 235 19.34 -11.14 -37.00
C ASP C 235 18.30 -10.11 -37.38
N PHE C 236 17.10 -10.20 -36.81
CA PHE C 236 16.05 -9.24 -37.11
C PHE C 236 16.43 -7.85 -36.63
N PHE C 237 16.91 -7.74 -35.38
CA PHE C 237 17.30 -6.44 -34.84
C PHE C 237 18.47 -5.85 -35.62
N LYS C 238 19.40 -6.69 -36.07
CA LYS C 238 20.61 -6.20 -36.72
C LYS C 238 20.29 -5.53 -38.07
N LYS C 239 19.40 -6.14 -38.85
CA LYS C 239 19.15 -5.69 -40.21
C LYS C 239 17.88 -4.88 -40.38
N HIS C 240 16.98 -4.90 -39.41
CA HIS C 240 15.68 -4.25 -39.56
C HIS C 240 15.36 -3.21 -38.50
N ILE C 241 16.07 -3.18 -37.38
CA ILE C 241 15.74 -2.31 -36.25
C ILE C 241 16.90 -1.38 -35.92
N GLN C 242 18.12 -1.91 -35.86
CA GLN C 242 19.26 -1.14 -35.37
C GLN C 242 19.55 0.06 -36.27
N TYR C 243 19.75 1.21 -35.64
CA TYR C 243 20.03 2.50 -36.27
C TYR C 243 18.87 3.03 -37.11
N LYS C 244 17.68 2.44 -36.99
CA LYS C 244 16.53 2.87 -37.76
C LYS C 244 15.44 3.52 -36.93
N PHE C 245 15.50 3.43 -35.60
CA PHE C 245 14.52 4.09 -34.76
C PHE C 245 15.02 5.47 -34.35
N LEU C 246 14.08 6.34 -33.99
CA LEU C 246 14.36 7.74 -33.70
C LEU C 246 15.21 7.95 -32.45
N ASP C 247 15.36 6.94 -31.61
CA ASP C 247 16.16 7.05 -30.40
C ASP C 247 17.17 5.93 -30.33
N GLU C 248 18.21 6.15 -29.53
CA GLU C 248 19.22 5.12 -29.31
C GLU C 248 18.77 4.07 -28.31
N ASP C 249 17.99 4.49 -27.31
CA ASP C 249 17.47 3.60 -26.28
C ASP C 249 15.96 3.48 -26.46
N PHE C 250 15.48 2.24 -26.57
CA PHE C 250 14.05 2.01 -26.80
C PHE C 250 13.74 0.56 -26.51
N VAL C 251 12.44 0.26 -26.50
CA VAL C 251 11.92 -1.10 -26.32
C VAL C 251 11.00 -1.40 -27.48
N PHE C 252 11.11 -2.62 -28.02
CA PHE C 252 10.23 -3.03 -29.11
C PHE C 252 9.79 -4.48 -28.90
N ASP C 253 8.51 -4.73 -29.20
CA ASP C 253 7.92 -6.06 -29.09
C ASP C 253 7.87 -6.71 -30.47
N ILE C 254 8.11 -8.02 -30.52
CA ILE C 254 8.10 -8.77 -31.76
C ILE C 254 7.21 -9.99 -31.62
N TYR C 255 6.89 -10.60 -32.77
CA TYR C 255 6.11 -11.83 -32.84
C TYR C 255 6.76 -12.75 -33.86
N ARG C 256 6.98 -14.01 -33.46
CA ARG C 256 7.61 -15.00 -34.33
C ARG C 256 6.53 -15.96 -34.83
N ASP C 257 6.28 -15.94 -36.13
CA ASP C 257 5.16 -16.66 -36.69
C ASP C 257 5.44 -18.17 -36.73
N SER C 258 4.47 -18.92 -37.25
CA SER C 258 4.58 -20.38 -37.29
C SER C 258 5.70 -20.86 -38.20
N ARG C 259 6.17 -20.02 -39.12
CA ARG C 259 7.24 -20.39 -40.05
C ARG C 259 8.61 -19.92 -39.58
N GLY C 260 8.70 -19.28 -38.42
CA GLY C 260 9.96 -18.83 -37.87
C GLY C 260 10.35 -17.41 -38.20
N LYS C 261 9.48 -16.65 -38.85
CA LYS C 261 9.78 -15.28 -39.24
C LYS C 261 9.38 -14.31 -38.13
N VAL C 262 10.29 -13.39 -37.79
CA VAL C 262 10.07 -12.42 -36.72
C VAL C 262 9.37 -11.20 -37.31
N TRP C 263 8.30 -10.75 -36.64
CA TRP C 263 7.54 -9.59 -37.05
C TRP C 263 7.52 -8.56 -35.92
N LEU C 264 7.63 -7.29 -36.28
CA LEU C 264 7.59 -6.22 -35.29
C LEU C 264 6.13 -5.89 -34.93
N ILE C 265 5.89 -5.69 -33.63
CA ILE C 265 4.56 -5.39 -33.12
C ILE C 265 4.43 -3.93 -32.72
N ASP C 266 5.35 -3.42 -31.91
CA ASP C 266 5.19 -2.09 -31.35
C ASP C 266 6.54 -1.59 -30.86
N PHE C 267 6.65 -0.26 -30.74
CA PHE C 267 7.76 0.40 -30.09
C PHE C 267 7.27 1.02 -28.78
N ASN C 268 8.00 0.78 -27.70
CA ASN C 268 7.66 1.32 -26.40
C ASN C 268 8.83 2.14 -25.85
N PRO C 269 8.56 3.14 -25.01
CA PRO C 269 9.65 3.95 -24.46
C PRO C 269 10.55 3.15 -23.53
N PHE C 270 11.77 3.65 -23.35
CA PHE C 270 12.77 3.03 -22.49
C PHE C 270 12.71 3.72 -21.12
N GLY C 271 11.75 3.29 -20.31
CA GLY C 271 11.58 3.88 -19.00
C GLY C 271 10.55 3.12 -18.20
N GLU C 272 10.35 3.58 -16.96
CA GLU C 272 9.44 2.90 -16.03
C GLU C 272 8.02 2.78 -16.55
N VAL C 273 7.63 3.63 -17.50
CA VAL C 273 6.29 3.54 -18.07
C VAL C 273 6.08 2.23 -18.82
N THR C 274 7.16 1.58 -19.25
CA THR C 274 7.10 0.32 -19.97
C THR C 274 7.37 -0.83 -19.00
N ASP C 275 6.51 -1.84 -19.03
CA ASP C 275 6.67 -3.00 -18.17
C ASP C 275 7.92 -3.77 -18.56
N SER C 276 8.82 -3.98 -17.59
CA SER C 276 10.08 -4.66 -17.85
C SER C 276 9.97 -6.18 -17.82
N LEU C 277 8.82 -6.71 -17.40
CA LEU C 277 8.51 -8.15 -17.48
C LEU C 277 9.52 -8.92 -16.63
N LEU C 278 10.27 -9.87 -17.20
CA LEU C 278 11.22 -10.67 -16.43
C LEU C 278 12.49 -9.93 -16.06
N PHE C 279 12.61 -8.65 -16.45
CA PHE C 279 13.73 -7.82 -16.05
C PHE C 279 13.26 -6.76 -15.07
N THR C 280 14.23 -6.06 -14.47
CA THR C 280 13.97 -4.88 -13.67
C THR C 280 14.75 -3.72 -14.28
N TRP C 281 14.14 -2.53 -14.27
CA TRP C 281 14.79 -1.36 -14.87
C TRP C 281 16.08 -1.00 -14.15
N GLU C 282 16.25 -1.42 -12.89
CA GLU C 282 17.54 -1.24 -12.22
C GLU C 282 18.63 -1.99 -12.95
N GLU C 283 18.37 -3.25 -13.32
CA GLU C 283 19.34 -4.03 -14.07
C GLU C 283 19.56 -3.46 -15.47
N LEU C 284 18.49 -3.00 -16.10
CA LEU C 284 18.58 -2.56 -17.50
C LEU C 284 19.41 -1.29 -17.64
N ILE C 285 19.22 -0.32 -16.75
CA ILE C 285 19.95 0.94 -16.87
C ILE C 285 21.39 0.84 -16.38
N SER C 286 21.70 -0.16 -15.56
CA SER C 286 23.06 -0.32 -15.06
C SER C 286 23.93 -1.07 -16.07
N GLU C 287 25.23 -0.84 -15.99
CA GLU C 287 26.20 -1.45 -16.90
C GLU C 287 26.75 -2.77 -16.37
N ASN C 288 26.00 -3.46 -15.51
CA ASN C 288 26.44 -4.73 -14.97
C ASN C 288 26.11 -5.87 -15.94
N ASN C 289 26.42 -7.09 -15.52
CA ASN C 289 26.17 -8.27 -16.33
C ASN C 289 24.73 -8.74 -16.14
N LEU C 290 24.01 -8.91 -17.24
CA LEU C 290 22.62 -9.35 -17.19
C LEU C 290 22.46 -10.85 -17.40
N ASN C 291 23.48 -11.53 -17.93
CA ASN C 291 23.41 -12.98 -18.11
C ASN C 291 23.53 -13.74 -16.81
N GLY C 292 23.87 -13.07 -15.71
CA GLY C 292 23.98 -13.72 -14.42
C GLY C 292 25.27 -14.52 -14.28
N ASP C 293 25.40 -15.16 -13.12
CA ASP C 293 26.55 -16.01 -12.82
C ASP C 293 26.29 -17.39 -13.39
N PHE C 294 26.87 -17.66 -14.56
CA PHE C 294 26.76 -18.95 -15.22
C PHE C 294 28.09 -19.68 -15.19
N SER C 295 28.07 -20.92 -15.68
CA SER C 295 29.26 -21.73 -15.84
C SER C 295 29.60 -21.86 -17.32
N GLU C 296 30.72 -22.51 -17.60
CA GLU C 296 31.16 -22.67 -18.99
C GLU C 296 30.24 -23.61 -19.76
N VAL C 297 29.65 -24.60 -19.08
CA VAL C 297 28.80 -25.56 -19.76
C VAL C 297 27.47 -24.92 -20.19
N ASP C 298 27.02 -23.89 -19.46
CA ASP C 298 25.78 -23.22 -19.78
C ASP C 298 25.96 -21.90 -20.51
N ALA C 299 27.18 -21.35 -20.51
CA ALA C 299 27.40 -20.06 -21.15
C ALA C 299 27.34 -20.17 -22.66
N GLN C 300 26.88 -19.11 -23.30
CA GLN C 300 26.69 -19.05 -24.74
C GLN C 300 27.59 -17.94 -25.30
N GLU C 301 27.13 -17.13 -26.25
CA GLU C 301 27.95 -16.02 -26.74
C GLU C 301 28.02 -14.92 -25.67
N GLN C 302 29.23 -14.49 -25.33
CA GLN C 302 29.37 -13.41 -24.37
C GLN C 302 28.90 -12.07 -24.93
N ASP C 303 28.85 -11.94 -26.25
CA ASP C 303 28.27 -10.76 -26.89
C ASP C 303 26.75 -10.82 -26.97
N SER C 304 26.15 -11.98 -26.75
CA SER C 304 24.71 -12.13 -26.91
C SER C 304 23.98 -11.45 -25.76
N PRO C 305 22.83 -10.83 -26.02
CA PRO C 305 22.03 -10.27 -24.94
C PRO C 305 21.43 -11.36 -24.06
N ALA C 306 20.90 -10.94 -22.92
CA ALA C 306 20.28 -11.86 -21.98
C ALA C 306 18.90 -12.27 -22.47
N PHE C 307 18.61 -13.56 -22.43
CA PHE C 307 17.31 -14.10 -22.81
C PHE C 307 16.69 -14.75 -21.58
N ARG C 308 15.49 -14.30 -21.21
CA ARG C 308 14.79 -14.80 -20.03
C ARG C 308 13.40 -15.27 -20.42
N CYS C 309 13.13 -16.54 -20.19
CA CYS C 309 11.79 -17.11 -20.27
C CYS C 309 11.40 -17.64 -18.90
N THR C 310 10.23 -18.26 -18.82
CA THR C 310 9.70 -18.74 -17.56
C THR C 310 9.87 -20.25 -17.43
N ASN C 311 10.02 -20.71 -16.20
CA ASN C 311 10.10 -22.12 -15.88
C ASN C 311 8.76 -22.62 -15.37
N SER C 312 8.58 -23.94 -15.40
CA SER C 312 7.30 -24.54 -15.01
C SER C 312 6.97 -24.24 -13.56
N GLU C 313 7.98 -24.06 -12.72
CA GLU C 313 7.78 -23.72 -11.31
C GLU C 313 7.07 -22.38 -11.17
N PRO C 320 -1.84 -10.16 -11.73
CA PRO C 320 -1.27 -9.02 -12.46
C PRO C 320 -2.29 -8.29 -13.33
N TYR C 321 -3.10 -9.06 -14.07
CA TYR C 321 -4.16 -8.50 -14.88
C TYR C 321 -5.54 -8.79 -14.30
N LEU C 322 -5.60 -9.23 -13.04
CA LEU C 322 -6.88 -9.52 -12.41
C LEU C 322 -7.71 -8.26 -12.18
N SER C 323 -7.04 -7.14 -11.90
CA SER C 323 -7.74 -5.88 -11.66
C SER C 323 -8.37 -5.30 -12.92
N TYR C 324 -8.06 -5.85 -14.10
CA TYR C 324 -8.65 -5.36 -15.34
C TYR C 324 -10.16 -5.42 -15.29
N ARG C 325 -10.71 -6.57 -14.91
CA ARG C 325 -12.15 -6.80 -14.89
C ARG C 325 -12.78 -6.47 -13.54
N LEU C 326 -12.08 -5.73 -12.69
CA LEU C 326 -12.59 -5.35 -11.38
C LEU C 326 -12.67 -3.84 -11.26
N PRO C 327 -13.60 -3.32 -10.47
CA PRO C 327 -13.72 -1.86 -10.32
C PRO C 327 -12.53 -1.27 -9.57
N LYS C 328 -12.45 0.05 -9.60
CA LYS C 328 -11.37 0.75 -8.90
C LYS C 328 -11.57 0.73 -7.39
N ASP C 329 -12.77 0.42 -6.91
CA ASP C 329 -13.01 0.35 -5.48
C ASP C 329 -12.31 -0.86 -4.86
N PHE C 330 -12.56 -2.04 -5.42
CA PHE C 330 -11.96 -3.29 -4.94
C PHE C 330 -12.23 -3.52 -3.46
N ALA C 339 -15.59 -12.17 -4.49
CA ALA C 339 -16.67 -13.09 -4.82
C ALA C 339 -17.84 -12.92 -3.86
N HIS C 340 -18.03 -13.90 -2.97
CA HIS C 340 -19.09 -13.80 -1.98
C HIS C 340 -18.80 -12.69 -0.96
N LYS C 341 -17.52 -12.41 -0.72
CA LYS C 341 -17.15 -11.38 0.24
C LYS C 341 -17.32 -9.98 -0.32
N LEU C 342 -17.21 -9.82 -1.65
CA LEU C 342 -17.39 -8.50 -2.25
C LEU C 342 -18.83 -8.03 -2.14
N ILE C 343 -19.79 -8.95 -2.35
CA ILE C 343 -21.20 -8.57 -2.31
C ILE C 343 -21.68 -8.41 -0.88
N ASP C 344 -21.23 -9.28 0.03
CA ASP C 344 -21.51 -9.07 1.44
C ASP C 344 -20.94 -7.75 1.94
N PHE C 345 -19.82 -7.32 1.34
CA PHE C 345 -19.28 -5.99 1.64
C PHE C 345 -20.20 -4.89 1.14
N LEU C 346 -20.88 -5.11 0.01
CA LEU C 346 -21.80 -4.10 -0.52
C LEU C 346 -23.05 -3.99 0.35
N LYS C 347 -23.55 -5.13 0.86
CA LYS C 347 -24.73 -5.10 1.72
C LYS C 347 -24.47 -4.33 3.00
N LEU C 348 -23.25 -4.40 3.52
CA LEU C 348 -22.95 -3.72 4.79
C LEU C 348 -22.86 -2.21 4.59
N LYS C 349 -22.33 -1.77 3.46
CA LYS C 349 -22.16 -0.33 3.23
C LYS C 349 -23.46 0.35 2.88
N ARG C 350 -24.43 -0.38 2.31
CA ARG C 350 -25.69 0.24 1.92
C ARG C 350 -26.56 0.54 3.14
N ASN C 351 -26.52 -0.34 4.15
CA ASN C 351 -27.34 -0.13 5.34
C ASN C 351 -26.77 0.99 6.20
N GLN C 352 -25.45 1.10 6.29
CA GLN C 352 -24.81 2.10 7.13
C GLN C 352 -24.57 3.42 6.41
N GLN C 353 -25.06 3.57 5.18
CA GLN C 353 -24.86 4.82 4.44
C GLN C 353 -25.87 5.87 4.85
N GLU C 354 -27.16 5.56 4.72
CA GLU C 354 -28.21 6.49 5.09
C GLU C 354 -28.27 6.67 6.62
N PRO D 4 -27.04 -24.79 -14.72
CA PRO D 4 -25.86 -23.97 -15.04
C PRO D 4 -25.69 -23.79 -16.54
N GLU D 5 -26.42 -22.85 -17.12
CA GLU D 5 -26.42 -22.61 -18.56
C GLU D 5 -25.76 -21.28 -18.88
N ILE D 6 -25.50 -21.08 -20.17
CA ILE D 6 -24.95 -19.83 -20.67
C ILE D 6 -26.10 -18.88 -20.98
N PHE D 7 -26.06 -17.69 -20.40
CA PHE D 7 -27.13 -16.72 -20.51
C PHE D 7 -26.73 -15.57 -21.43
N THR D 8 -27.69 -15.10 -22.23
CA THR D 8 -27.51 -13.92 -23.07
C THR D 8 -28.20 -12.69 -22.51
N GLU D 9 -29.27 -12.87 -21.74
CA GLU D 9 -29.92 -11.79 -21.01
C GLU D 9 -30.17 -12.26 -19.58
N LEU D 10 -30.38 -11.30 -18.69
CA LEU D 10 -30.63 -11.59 -17.29
C LEU D 10 -31.78 -10.74 -16.77
N GLU D 11 -32.51 -11.28 -15.80
CA GLU D 11 -33.54 -10.56 -15.08
C GLU D 11 -33.17 -10.62 -13.60
N ILE D 12 -32.91 -9.46 -13.00
CA ILE D 12 -32.26 -9.39 -11.69
C ILE D 12 -33.09 -8.58 -10.72
N SER D 13 -32.80 -8.77 -9.43
CA SER D 13 -33.30 -7.94 -8.35
C SER D 13 -32.11 -7.12 -7.82
N TYR D 14 -32.05 -5.86 -8.23
CA TYR D 14 -30.90 -5.02 -7.93
C TYR D 14 -31.16 -4.13 -6.72
N PHE D 15 -30.07 -3.72 -6.06
CA PHE D 15 -30.12 -2.79 -4.95
C PHE D 15 -28.92 -1.85 -5.07
N LEU D 16 -29.20 -0.57 -5.25
CA LEU D 16 -28.16 0.42 -5.49
C LEU D 16 -27.76 1.13 -4.20
N LEU D 17 -26.48 1.48 -4.11
CA LEU D 17 -25.99 2.27 -2.99
C LEU D 17 -26.60 3.67 -3.03
N ARG D 18 -26.55 4.34 -1.88
CA ARG D 18 -27.01 5.73 -1.83
C ARG D 18 -25.99 6.68 -2.45
N ARG D 19 -24.72 6.50 -2.13
CA ARG D 19 -23.64 7.31 -2.68
C ARG D 19 -22.46 6.41 -3.00
N LEU D 20 -21.54 6.94 -3.80
CA LEU D 20 -20.35 6.19 -4.17
C LEU D 20 -19.43 6.00 -2.97
N LEU D 21 -18.62 4.95 -3.02
CA LEU D 21 -17.71 4.65 -1.92
C LEU D 21 -16.58 5.66 -1.88
N GLY D 22 -16.41 6.31 -0.73
CA GLY D 22 -15.37 7.30 -0.56
C GLY D 22 -14.97 7.51 0.89
N LYS D 30 -18.86 14.94 1.01
CA LYS D 30 -20.08 14.53 0.32
C LYS D 30 -19.75 13.71 -0.93
N ALA D 31 -19.90 12.39 -0.82
CA ALA D 31 -19.66 11.52 -1.97
C ALA D 31 -20.78 11.69 -2.99
N ALA D 32 -20.45 11.42 -4.25
CA ALA D 32 -21.41 11.59 -5.33
C ALA D 32 -22.58 10.62 -5.18
N LYS D 33 -23.79 11.14 -5.37
CA LYS D 33 -24.98 10.31 -5.28
C LYS D 33 -25.04 9.34 -6.46
N VAL D 34 -25.47 8.12 -6.19
CA VAL D 34 -25.59 7.09 -7.22
C VAL D 34 -26.89 7.32 -7.99
N GLN D 35 -26.77 7.68 -9.26
CA GLN D 35 -27.94 7.88 -10.10
C GLN D 35 -28.68 6.57 -10.31
N LYS D 36 -29.97 6.69 -10.58
CA LYS D 36 -30.79 5.50 -10.83
C LYS D 36 -30.42 4.89 -12.17
N LEU D 37 -30.86 3.65 -12.38
CA LEU D 37 -30.57 2.95 -13.62
C LEU D 37 -31.31 3.60 -14.79
N SER D 38 -30.62 3.75 -15.90
CA SER D 38 -31.19 4.31 -17.12
C SER D 38 -31.04 3.32 -18.26
N LYS D 39 -32.01 3.33 -19.16
CA LYS D 39 -31.99 2.40 -20.29
C LYS D 39 -30.84 2.74 -21.22
N ASN D 40 -30.20 1.68 -21.74
CA ASN D 40 -29.12 1.70 -22.75
C ASN D 40 -27.75 2.01 -22.16
N GLU D 41 -27.60 2.11 -20.85
CA GLU D 41 -26.27 2.25 -20.26
C GLU D 41 -25.67 0.87 -20.03
N VAL D 42 -24.35 0.79 -20.15
CA VAL D 42 -23.61 -0.47 -20.02
C VAL D 42 -22.90 -0.47 -18.68
N LEU D 43 -23.12 -1.52 -17.89
CA LEU D 43 -22.53 -1.66 -16.58
C LEU D 43 -21.56 -2.83 -16.55
N MET D 44 -20.62 -2.78 -15.61
CA MET D 44 -19.72 -3.88 -15.36
C MET D 44 -20.39 -4.85 -14.39
N VAL D 45 -20.64 -6.07 -14.87
CA VAL D 45 -21.34 -7.09 -14.09
C VAL D 45 -20.32 -8.14 -13.66
N ASN D 46 -20.12 -8.27 -12.36
CA ASN D 46 -19.22 -9.28 -11.79
C ASN D 46 -20.06 -10.46 -11.34
N ILE D 47 -19.87 -11.60 -11.98
CA ILE D 47 -20.61 -12.82 -11.68
C ILE D 47 -19.59 -13.85 -11.20
N GLY D 48 -19.45 -13.98 -9.89
CA GLY D 48 -18.48 -14.89 -9.31
C GLY D 48 -17.05 -14.51 -9.67
N SER D 49 -16.38 -15.37 -10.43
CA SER D 49 -15.03 -15.12 -10.91
C SER D 49 -15.01 -14.59 -12.33
N LEU D 50 -16.15 -14.11 -12.83
CA LEU D 50 -16.27 -13.65 -14.21
C LEU D 50 -16.73 -12.19 -14.22
N SER D 51 -16.51 -11.55 -15.36
CA SER D 51 -16.97 -10.19 -15.59
C SER D 51 -17.45 -10.07 -17.03
N THR D 52 -18.43 -9.20 -17.24
CA THR D 52 -18.98 -8.96 -18.57
C THR D 52 -19.66 -7.60 -18.55
N GLY D 53 -20.31 -7.24 -19.65
CA GLY D 53 -21.07 -6.01 -19.74
C GLY D 53 -22.56 -6.31 -19.71
N GLY D 54 -23.32 -5.37 -19.17
CA GLY D 54 -24.76 -5.52 -19.11
C GLY D 54 -25.49 -4.26 -19.53
N ARG D 55 -26.01 -4.26 -20.76
CA ARG D 55 -26.76 -3.11 -21.24
C ARG D 55 -28.16 -3.13 -20.64
N VAL D 56 -28.50 -2.07 -19.90
CA VAL D 56 -29.81 -2.00 -19.25
C VAL D 56 -30.88 -1.86 -20.33
N SER D 57 -31.85 -2.79 -20.31
CA SER D 57 -32.95 -2.74 -21.26
C SER D 57 -34.32 -2.58 -20.60
N ALA D 58 -34.42 -2.74 -19.29
CA ALA D 58 -35.69 -2.57 -18.59
C ALA D 58 -35.39 -2.32 -17.12
N VAL D 59 -36.19 -1.47 -16.49
CA VAL D 59 -36.01 -1.08 -15.10
C VAL D 59 -37.38 -0.98 -14.43
N LYS D 60 -37.48 -1.48 -13.21
CA LYS D 60 -38.63 -1.23 -12.35
C LYS D 60 -38.11 -0.76 -11.00
N ALA D 61 -38.91 -0.96 -9.95
CA ALA D 61 -38.53 -0.53 -8.61
C ALA D 61 -37.22 -1.18 -8.19
N ASP D 62 -37.23 -2.50 -8.02
CA ASP D 62 -36.03 -3.25 -7.69
C ASP D 62 -35.80 -4.40 -8.67
N LEU D 63 -36.40 -4.33 -9.85
CA LEU D 63 -36.25 -5.35 -10.88
C LEU D 63 -35.64 -4.71 -12.12
N GLY D 64 -34.82 -5.49 -12.84
CA GLY D 64 -34.17 -5.00 -14.03
C GLY D 64 -33.83 -6.12 -14.99
N LYS D 65 -33.70 -5.75 -16.26
CA LYS D 65 -33.26 -6.65 -17.32
C LYS D 65 -32.03 -6.05 -17.99
N ILE D 66 -30.99 -6.87 -18.17
CA ILE D 66 -29.77 -6.44 -18.83
C ILE D 66 -29.40 -7.46 -19.90
N VAL D 67 -29.03 -6.97 -21.07
CA VAL D 67 -28.55 -7.81 -22.17
C VAL D 67 -27.03 -7.87 -22.09
N LEU D 68 -26.49 -9.08 -21.95
CA LEU D 68 -25.06 -9.24 -21.76
C LEU D 68 -24.31 -8.96 -23.06
N THR D 69 -23.23 -8.19 -22.96
CA THR D 69 -22.38 -7.97 -24.12
C THR D 69 -21.56 -9.22 -24.44
N ASN D 70 -21.23 -10.01 -23.42
CA ASN D 70 -20.55 -11.29 -23.60
C ASN D 70 -21.32 -12.33 -22.79
N PRO D 71 -21.87 -13.36 -23.43
CA PRO D 71 -22.63 -14.36 -22.68
C PRO D 71 -21.79 -15.04 -21.61
N VAL D 72 -22.40 -15.26 -20.45
CA VAL D 72 -21.72 -15.80 -19.27
C VAL D 72 -22.49 -17.01 -18.77
N CYS D 73 -21.76 -18.06 -18.43
CA CYS D 73 -22.35 -19.27 -17.87
C CYS D 73 -22.57 -19.07 -16.38
N THR D 74 -23.84 -19.03 -15.97
CA THR D 74 -24.19 -18.85 -14.57
C THR D 74 -25.50 -19.58 -14.30
N GLU D 75 -26.17 -19.23 -13.21
CA GLU D 75 -27.39 -19.92 -12.81
C GLU D 75 -28.31 -18.96 -12.10
N VAL D 76 -29.59 -19.33 -12.03
CA VAL D 76 -30.59 -18.52 -11.34
C VAL D 76 -30.30 -18.52 -9.85
N GLY D 77 -30.36 -17.34 -9.23
CA GLY D 77 -30.15 -17.19 -7.82
C GLY D 77 -28.76 -16.69 -7.44
N GLU D 78 -27.81 -16.73 -8.36
CA GLU D 78 -26.46 -16.26 -8.05
C GLU D 78 -26.44 -14.74 -8.00
N LYS D 79 -25.72 -14.21 -7.01
CA LYS D 79 -25.63 -12.77 -6.83
C LYS D 79 -24.56 -12.17 -7.73
N ILE D 80 -24.79 -10.92 -8.14
CA ILE D 80 -23.89 -10.21 -9.04
C ILE D 80 -23.56 -8.85 -8.46
N ALA D 81 -22.46 -8.28 -8.93
CA ALA D 81 -22.04 -6.93 -8.55
C ALA D 81 -22.14 -6.02 -9.76
N LEU D 82 -22.66 -4.81 -9.54
CA LEU D 82 -22.88 -3.84 -10.60
C LEU D 82 -21.96 -2.65 -10.43
N SER D 83 -21.39 -2.18 -11.55
CA SER D 83 -20.49 -1.04 -11.54
C SER D 83 -20.81 -0.13 -12.73
N ARG D 84 -20.71 1.17 -12.50
CA ARG D 84 -21.01 2.18 -13.50
C ARG D 84 -19.75 2.94 -13.85
N ARG D 85 -19.66 3.40 -15.09
CA ARG D 85 -18.53 4.21 -15.56
C ARG D 85 -18.73 5.64 -15.06
N VAL D 86 -17.92 6.04 -14.07
CA VAL D 86 -18.02 7.35 -13.45
C VAL D 86 -16.67 8.03 -13.58
N GLU D 87 -16.63 9.14 -14.32
CA GLU D 87 -15.40 9.89 -14.57
C GLU D 87 -14.29 8.99 -15.12
N LYS D 88 -14.67 8.17 -16.10
CA LYS D 88 -13.75 7.27 -16.79
C LYS D 88 -13.12 6.27 -15.83
N HIS D 89 -13.91 5.80 -14.85
CA HIS D 89 -13.49 4.76 -13.93
C HIS D 89 -14.70 3.90 -13.58
N TRP D 90 -14.45 2.61 -13.38
CA TRP D 90 -15.51 1.69 -12.96
C TRP D 90 -15.71 1.83 -11.45
N ARG D 91 -16.93 2.16 -11.04
CA ARG D 91 -17.25 2.41 -9.64
C ARG D 91 -18.44 1.55 -9.24
N LEU D 92 -18.30 0.85 -8.10
CA LEU D 92 -19.38 0.03 -7.59
C LEU D 92 -20.59 0.89 -7.23
N ILE D 93 -21.76 0.49 -7.70
CA ILE D 93 -23.00 1.19 -7.37
C ILE D 93 -24.02 0.29 -6.66
N GLY D 94 -23.85 -1.02 -6.69
CA GLY D 94 -24.79 -1.89 -6.00
C GLY D 94 -24.56 -3.34 -6.36
N TRP D 95 -25.56 -4.17 -6.07
CA TRP D 95 -25.50 -5.59 -6.36
C TRP D 95 -26.89 -6.08 -6.75
N GLY D 96 -26.95 -7.29 -7.29
CA GLY D 96 -28.20 -7.87 -7.72
C GLY D 96 -28.21 -9.37 -7.52
N GLN D 97 -29.30 -9.99 -7.95
CA GLN D 97 -29.44 -11.44 -7.87
C GLN D 97 -30.29 -11.91 -9.04
N ILE D 98 -29.83 -12.98 -9.71
CA ILE D 98 -30.47 -13.43 -10.94
C ILE D 98 -31.80 -14.10 -10.60
N ARG D 99 -32.88 -13.62 -11.24
CA ARG D 99 -34.18 -14.26 -11.18
C ARG D 99 -34.47 -15.13 -12.39
N ARG D 100 -34.12 -14.65 -13.58
CA ARG D 100 -34.43 -15.32 -14.82
C ARG D 100 -33.36 -14.95 -15.85
N GLY D 101 -33.45 -15.55 -17.03
CA GLY D 101 -32.52 -15.22 -18.08
C GLY D 101 -32.82 -16.00 -19.35
N VAL D 102 -32.31 -15.48 -20.45
CA VAL D 102 -32.42 -16.12 -21.76
C VAL D 102 -31.13 -16.87 -22.03
N THR D 103 -31.25 -18.09 -22.54
CA THR D 103 -30.12 -18.97 -22.76
C THR D 103 -29.91 -19.23 -24.25
N ILE D 104 -28.91 -20.05 -24.55
CA ILE D 104 -28.61 -20.47 -25.92
C ILE D 104 -28.32 -21.96 -25.95
PG ATP E . 8.27 7.51 16.44
O1G ATP E . 7.39 8.71 16.35
O2G ATP E . 7.52 6.19 16.27
O3G ATP E . 9.45 7.52 15.47
PB ATP E . 10.37 7.23 18.54
O1B ATP E . 11.45 7.40 17.52
O2B ATP E . 10.35 5.91 19.30
O3B ATP E . 8.94 7.41 17.88
PA ATP E . 11.13 9.79 19.82
O1A ATP E . 10.90 10.69 18.66
O2A ATP E . 12.60 9.48 20.12
O3A ATP E . 10.39 8.40 19.62
O5' ATP E . 10.45 10.33 21.12
C5' ATP E . 9.08 9.99 21.46
C4' ATP E . 8.52 11.14 22.24
O4' ATP E . 9.07 11.12 23.57
C3' ATP E . 8.84 12.52 21.69
O3' ATP E . 7.85 12.94 20.76
C2' ATP E . 8.85 13.40 22.94
O2' ATP E . 7.55 13.83 23.30
C1' ATP E . 9.41 12.44 23.99
N9 ATP E . 10.86 12.50 24.18
C8 ATP E . 11.82 12.30 23.24
N7 ATP E . 13.05 12.43 23.70
C5 ATP E . 12.87 12.74 25.03
C6 ATP E . 13.77 13.00 26.09
N6 ATP E . 15.11 12.99 25.95
N1 ATP E . 13.26 13.28 27.31
C2 ATP E . 11.93 13.29 27.45
N3 ATP E . 10.98 13.06 26.55
C4 ATP E . 11.52 12.79 25.35
MG MG F . 11.51 8.13 15.38
PG ATP G . 1.88 -2.66 -24.13
O1G ATP G . 2.08 -3.91 -23.36
O2G ATP G . 0.96 -1.64 -23.44
O3G ATP G . 3.19 -1.96 -24.52
PB ATP G . 0.18 -2.28 -26.55
O1B ATP G . 0.88 -1.30 -27.40
O2B ATP G . -1.02 -1.77 -25.77
O3B ATP G . 1.17 -2.97 -25.53
PA ATP G . 0.24 -4.43 -28.59
O1A ATP G . 1.66 -4.80 -28.36
O2A ATP G . -0.02 -3.68 -29.89
O3A ATP G . -0.32 -3.53 -27.41
O5' ATP G . -0.69 -5.70 -28.54
C5' ATP G . -0.95 -6.38 -27.31
C4' ATP G . -1.24 -7.83 -27.63
O4' ATP G . -2.37 -7.91 -28.53
C3' ATP G . -0.11 -8.56 -28.34
O3' ATP G . 0.82 -9.11 -27.42
C2' ATP G . -0.86 -9.65 -29.11
O2' ATP G . -1.12 -10.78 -28.29
C1' ATP G . -2.17 -8.94 -29.48
N9 ATP G . -2.18 -8.35 -30.82
C8 ATP G . -1.39 -7.33 -31.28
N7 ATP G . -1.62 -7.01 -32.53
C5 ATP G . -2.63 -7.88 -32.92
C6 ATP G . -3.32 -8.05 -34.14
N6 ATP G . -3.09 -7.33 -35.23
N1 ATP G . -4.26 -9.03 -34.18
C2 ATP G . -4.49 -9.75 -33.09
N3 ATP G . -3.91 -9.67 -31.89
C4 ATP G . -2.98 -8.72 -31.88
MG MG H . 3.12 -1.22 -26.63
#